data_5OJF
#
_entry.id   5OJF
#
_cell.length_a   97.620
_cell.length_b   116.470
_cell.length_c   108.110
_cell.angle_alpha   90.00
_cell.angle_beta   99.51
_cell.angle_gamma   90.00
#
_symmetry.space_group_name_H-M   'C 1 2 1'
#
_entity_poly.entity_id   1
_entity_poly.type   'polypeptide(L)'
_entity_poly.pdbx_seq_one_letter_code
;MGSSHHHHHHSSGLVPRGSGGYEIPARLRTLHNLVIQYASQGRYEVAVPLCKQALEDLEKTSGHDHPDVATMLNILALVY
RDQNKYKDAAHLLNDALAIREKTLGKDHPAVAATLNNLAVLYGKRGKYKEAEPLCKRALEIREKVLGKFHPDVAKQLSNL
ALLCQNQGKAEEVEYYYRRALEIYATRLGPDDPNVAKTKNNLASCYLKQGKYQDAETLYKEILTRAHEKEFGSVNGENKP
IWMHAEEREESKDKRRDSAPYGEYGSWYKACKVDSPTVNTTLRSLGALYRRQGKLEAAHTLEDCASRSRKQGLD
;
_entity_poly.pdbx_strand_id   A,B,C
#
# COMPACT_ATOMS: atom_id res chain seq x y z
N ILE A 24 -16.63 42.40 -5.61
CA ILE A 24 -17.95 43.07 -5.61
C ILE A 24 -17.79 44.59 -5.87
N PRO A 25 -18.44 45.18 -6.90
CA PRO A 25 -18.28 46.63 -7.12
C PRO A 25 -19.13 47.42 -6.16
N ALA A 26 -18.79 48.71 -5.95
CA ALA A 26 -19.50 49.64 -5.08
C ALA A 26 -20.95 49.74 -5.47
N ARG A 27 -21.17 49.74 -6.77
CA ARG A 27 -22.45 49.85 -7.44
C ARG A 27 -23.36 48.66 -7.11
N LEU A 28 -22.91 47.45 -7.39
CA LEU A 28 -23.67 46.24 -7.14
C LEU A 28 -23.70 45.84 -5.67
N ARG A 29 -22.75 46.41 -4.88
CA ARG A 29 -22.52 46.18 -3.44
C ARG A 29 -23.71 46.47 -2.51
N THR A 30 -24.61 47.40 -2.87
CA THR A 30 -25.74 47.68 -1.98
C THR A 30 -26.92 46.73 -2.34
N LEU A 31 -27.03 46.28 -3.62
CA LEU A 31 -28.06 45.32 -4.04
C LEU A 31 -27.69 43.91 -3.55
N HIS A 32 -26.37 43.57 -3.57
CA HIS A 32 -25.76 42.31 -3.11
C HIS A 32 -26.28 41.89 -1.73
N ASN A 33 -25.97 42.70 -0.69
CA ASN A 33 -26.34 42.55 0.72
C ASN A 33 -27.83 42.26 0.92
N LEU A 34 -28.67 42.83 0.08
CA LEU A 34 -30.10 42.63 0.15
C LEU A 34 -30.48 41.27 -0.40
N VAL A 35 -29.96 40.88 -1.59
CA VAL A 35 -30.22 39.57 -2.20
C VAL A 35 -29.67 38.48 -1.27
N ILE A 36 -28.43 38.71 -0.74
CA ILE A 36 -27.72 37.91 0.26
C ILE A 36 -28.67 37.64 1.45
N GLN A 37 -29.39 38.70 1.90
CA GLN A 37 -30.35 38.68 2.99
C GLN A 37 -31.66 37.99 2.58
N TYR A 38 -32.22 38.34 1.39
CA TYR A 38 -33.47 37.81 0.87
C TYR A 38 -33.35 36.41 0.27
N ALA A 39 -32.19 35.76 0.44
CA ALA A 39 -31.91 34.37 0.05
C ALA A 39 -31.80 33.57 1.34
N SER A 40 -31.01 34.09 2.31
CA SER A 40 -30.77 33.53 3.66
C SER A 40 -32.01 33.78 4.54
N GLN A 41 -33.18 33.78 3.90
CA GLN A 41 -34.50 33.98 4.48
C GLN A 41 -35.52 33.13 3.67
N GLY A 42 -35.02 32.39 2.69
CA GLY A 42 -35.82 31.51 1.83
C GLY A 42 -36.87 32.21 1.00
N ARG A 43 -36.52 33.38 0.44
CA ARG A 43 -37.42 34.17 -0.39
C ARG A 43 -36.89 34.21 -1.84
N TYR A 44 -36.84 33.01 -2.46
CA TYR A 44 -36.41 32.72 -3.83
C TYR A 44 -37.21 33.57 -4.83
N GLU A 45 -38.50 33.78 -4.51
CA GLU A 45 -39.46 34.58 -5.27
C GLU A 45 -39.08 36.07 -5.30
N VAL A 46 -38.31 36.53 -4.30
CA VAL A 46 -37.89 37.92 -4.18
C VAL A 46 -36.50 38.12 -4.79
N ALA A 47 -35.54 37.25 -4.37
CA ALA A 47 -34.12 37.29 -4.73
C ALA A 47 -33.80 37.18 -6.24
N VAL A 48 -34.31 36.13 -6.91
CA VAL A 48 -34.06 35.90 -8.33
C VAL A 48 -34.49 37.14 -9.17
N PRO A 49 -35.75 37.66 -9.06
CA PRO A 49 -36.12 38.85 -9.85
C PRO A 49 -35.24 40.05 -9.60
N LEU A 50 -34.75 40.22 -8.35
CA LEU A 50 -33.88 41.33 -7.96
C LEU A 50 -32.57 41.27 -8.71
N CYS A 51 -32.10 40.04 -9.00
CA CYS A 51 -30.88 39.79 -9.76
C CYS A 51 -31.21 39.98 -11.24
N LYS A 52 -32.21 39.19 -11.73
CA LYS A 52 -32.69 39.19 -13.11
C LYS A 52 -32.93 40.57 -13.66
N GLN A 53 -33.61 41.43 -12.88
CA GLN A 53 -33.89 42.78 -13.30
C GLN A 53 -32.72 43.74 -13.10
N ALA A 54 -31.84 43.47 -12.15
CA ALA A 54 -30.67 44.32 -11.97
C ALA A 54 -29.65 44.00 -13.07
N LEU A 55 -29.76 42.79 -13.69
CA LEU A 55 -28.87 42.36 -14.78
C LEU A 55 -29.26 43.01 -16.13
N GLU A 56 -30.57 43.02 -16.49
CA GLU A 56 -31.09 43.64 -17.71
C GLU A 56 -30.90 45.19 -17.66
N ASP A 57 -30.71 45.72 -16.45
CA ASP A 57 -30.48 47.12 -16.16
C ASP A 57 -29.07 47.48 -16.56
N LEU A 58 -28.11 46.73 -16.06
CA LEU A 58 -26.70 46.91 -16.32
C LEU A 58 -26.33 46.46 -17.75
N GLU A 59 -27.12 45.53 -18.33
CA GLU A 59 -26.94 45.03 -19.69
C GLU A 59 -27.09 46.14 -20.73
N LYS A 60 -27.98 47.13 -20.49
CA LYS A 60 -28.20 48.28 -21.37
C LYS A 60 -27.17 49.40 -21.11
N THR A 61 -26.69 49.48 -19.83
CA THR A 61 -25.72 50.45 -19.31
C THR A 61 -24.31 50.27 -19.89
N SER A 62 -23.62 49.16 -19.55
CA SER A 62 -22.25 48.89 -19.99
C SER A 62 -22.11 47.68 -20.98
N GLY A 63 -23.22 47.31 -21.63
CA GLY A 63 -23.24 46.21 -22.58
C GLY A 63 -23.30 44.85 -21.93
N HIS A 64 -23.36 43.76 -22.72
CA HIS A 64 -23.39 42.43 -22.13
C HIS A 64 -22.00 41.97 -21.68
N ASP A 65 -20.99 42.11 -22.57
CA ASP A 65 -19.61 41.67 -22.37
C ASP A 65 -18.83 42.52 -21.33
N HIS A 66 -19.55 43.16 -20.41
CA HIS A 66 -18.96 43.95 -19.35
C HIS A 66 -18.74 43.11 -18.08
N PRO A 67 -17.54 43.22 -17.43
CA PRO A 67 -17.27 42.43 -16.21
C PRO A 67 -18.27 42.50 -15.08
N ASP A 68 -19.07 43.55 -14.98
CA ASP A 68 -20.03 43.64 -13.89
C ASP A 68 -21.28 42.80 -14.14
N VAL A 69 -21.53 42.41 -15.42
CA VAL A 69 -22.65 41.54 -15.79
C VAL A 69 -22.22 40.15 -15.36
N ALA A 70 -20.93 39.82 -15.59
CA ALA A 70 -20.29 38.56 -15.23
C ALA A 70 -20.32 38.34 -13.72
N THR A 71 -20.17 39.43 -12.96
CA THR A 71 -20.19 39.48 -11.51
C THR A 71 -21.63 39.34 -11.04
N MET A 72 -22.56 39.89 -11.82
CA MET A 72 -23.96 39.77 -11.54
C MET A 72 -24.49 38.36 -11.87
N LEU A 73 -24.02 37.78 -12.96
CA LEU A 73 -24.36 36.41 -13.37
C LEU A 73 -23.75 35.39 -12.39
N ASN A 74 -22.76 35.80 -11.57
CA ASN A 74 -22.13 34.91 -10.58
C ASN A 74 -22.87 34.97 -9.25
N ILE A 75 -23.55 36.11 -8.97
CA ILE A 75 -24.29 36.31 -7.72
C ILE A 75 -25.65 35.60 -7.76
N LEU A 76 -26.30 35.56 -8.95
CA LEU A 76 -27.57 34.86 -9.13
C LEU A 76 -27.28 33.37 -9.29
N ALA A 77 -26.14 33.03 -9.94
CA ALA A 77 -25.73 31.66 -10.10
C ALA A 77 -25.52 31.06 -8.72
N LEU A 78 -25.00 31.86 -7.76
CA LEU A 78 -24.81 31.46 -6.36
C LEU A 78 -26.16 31.42 -5.60
N VAL A 79 -27.23 32.01 -6.18
CA VAL A 79 -28.59 31.99 -5.63
C VAL A 79 -29.23 30.63 -6.01
N TYR A 80 -29.12 30.23 -7.31
CA TYR A 80 -29.59 28.93 -7.80
C TYR A 80 -28.85 27.77 -7.12
N ARG A 81 -27.55 27.94 -6.80
CA ARG A 81 -26.74 26.94 -6.09
C ARG A 81 -27.26 26.86 -4.64
N ASP A 82 -27.55 28.03 -4.04
CA ASP A 82 -28.04 28.18 -2.67
C ASP A 82 -29.39 27.48 -2.46
N GLN A 83 -30.26 27.42 -3.50
CA GLN A 83 -31.56 26.76 -3.39
C GLN A 83 -31.70 25.61 -4.42
N ASN A 84 -30.69 24.69 -4.40
CA ASN A 84 -30.42 23.43 -5.14
C ASN A 84 -30.99 23.31 -6.59
N LYS A 85 -30.76 24.32 -7.43
CA LYS A 85 -31.17 24.32 -8.85
C LYS A 85 -29.88 24.43 -9.73
N TYR A 86 -28.96 23.45 -9.50
CA TYR A 86 -27.64 23.30 -10.12
C TYR A 86 -27.64 23.33 -11.65
N LYS A 87 -28.68 22.75 -12.29
CA LYS A 87 -28.80 22.76 -13.75
C LYS A 87 -28.67 24.20 -14.21
N ASP A 88 -29.53 25.07 -13.67
CA ASP A 88 -29.60 26.50 -13.96
C ASP A 88 -28.42 27.30 -13.45
N ALA A 89 -27.89 26.98 -12.25
CA ALA A 89 -26.76 27.69 -11.65
C ALA A 89 -25.55 27.72 -12.59
N ALA A 90 -25.22 26.55 -13.20
CA ALA A 90 -24.11 26.39 -14.14
C ALA A 90 -24.37 27.08 -15.46
N HIS A 91 -25.66 27.16 -15.90
CA HIS A 91 -26.06 27.84 -17.14
C HIS A 91 -25.63 29.32 -17.05
N LEU A 92 -25.69 29.89 -15.83
CA LEU A 92 -25.31 31.27 -15.50
C LEU A 92 -23.81 31.42 -15.37
N LEU A 93 -23.14 30.45 -14.73
CA LEU A 93 -21.69 30.52 -14.54
C LEU A 93 -20.88 30.28 -15.80
N ASN A 94 -21.50 29.70 -16.87
CA ASN A 94 -20.81 29.47 -18.14
C ASN A 94 -20.86 30.75 -18.92
N ASP A 95 -21.98 31.48 -18.77
CA ASP A 95 -22.26 32.80 -19.34
C ASP A 95 -21.26 33.84 -18.68
N ALA A 96 -21.12 33.84 -17.32
CA ALA A 96 -20.20 34.71 -16.57
C ALA A 96 -18.80 34.42 -17.04
N LEU A 97 -18.48 33.14 -17.24
CA LEU A 97 -17.17 32.68 -17.71
C LEU A 97 -16.87 33.14 -19.16
N ALA A 98 -17.90 33.16 -20.03
CA ALA A 98 -17.75 33.60 -21.42
C ALA A 98 -17.40 35.08 -21.43
N ILE A 99 -18.08 35.90 -20.59
CA ILE A 99 -17.82 37.33 -20.45
C ILE A 99 -16.40 37.52 -19.90
N ARG A 100 -16.06 36.81 -18.78
CA ARG A 100 -14.77 36.90 -18.09
C ARG A 100 -13.61 36.52 -18.99
N GLU A 101 -13.81 35.48 -19.81
CA GLU A 101 -12.83 35.04 -20.81
C GLU A 101 -12.57 36.19 -21.83
N LYS A 102 -13.66 36.84 -22.31
CA LYS A 102 -13.62 37.90 -23.31
C LYS A 102 -12.73 39.08 -22.91
N THR A 103 -13.23 39.90 -21.98
CA THR A 103 -12.59 41.13 -21.53
C THR A 103 -11.36 40.91 -20.65
N LEU A 104 -11.51 40.19 -19.52
CA LEU A 104 -10.41 39.96 -18.59
C LEU A 104 -9.23 39.17 -19.20
N GLY A 105 -9.53 38.04 -19.87
CA GLY A 105 -8.53 37.20 -20.53
C GLY A 105 -8.71 35.70 -20.41
N LYS A 106 -8.11 34.94 -21.36
CA LYS A 106 -8.17 33.49 -21.42
C LYS A 106 -7.48 32.85 -20.23
N ASP A 107 -6.37 33.46 -19.75
CA ASP A 107 -5.60 32.94 -18.61
C ASP A 107 -5.46 33.99 -17.50
N HIS A 108 -6.58 34.61 -17.14
CA HIS A 108 -6.71 35.65 -16.11
C HIS A 108 -7.22 35.03 -14.79
N PRO A 109 -6.80 35.53 -13.59
CA PRO A 109 -7.26 34.93 -12.31
C PRO A 109 -8.79 34.80 -12.05
N ALA A 110 -9.60 35.79 -12.48
CA ALA A 110 -11.04 35.80 -12.24
C ALA A 110 -11.78 34.80 -13.12
N VAL A 111 -11.15 34.40 -14.23
CA VAL A 111 -11.67 33.40 -15.16
C VAL A 111 -11.39 32.01 -14.60
N ALA A 112 -10.29 31.83 -13.82
CA ALA A 112 -9.95 30.56 -13.16
C ALA A 112 -10.91 30.38 -11.99
N ALA A 113 -11.27 31.47 -11.33
CA ALA A 113 -12.21 31.56 -10.23
C ALA A 113 -13.59 31.07 -10.60
N THR A 114 -14.05 31.43 -11.80
CA THR A 114 -15.36 31.07 -12.30
C THR A 114 -15.28 29.71 -13.04
N LEU A 115 -14.06 29.22 -13.34
CA LEU A 115 -13.83 27.91 -13.98
C LEU A 115 -13.84 26.88 -12.85
N ASN A 116 -13.63 27.37 -11.61
CA ASN A 116 -13.59 26.55 -10.42
C ASN A 116 -14.97 26.43 -9.83
N ASN A 117 -15.68 27.56 -9.70
CA ASN A 117 -17.04 27.58 -9.15
C ASN A 117 -18.01 26.77 -10.00
N LEU A 118 -17.73 26.74 -11.31
CA LEU A 118 -18.49 26.03 -12.32
C LEU A 118 -18.27 24.52 -12.20
N ALA A 119 -17.02 24.12 -11.86
CA ALA A 119 -16.60 22.74 -11.65
C ALA A 119 -17.21 22.16 -10.36
N VAL A 120 -17.38 23.00 -9.30
CA VAL A 120 -18.00 22.67 -8.01
C VAL A 120 -19.46 22.26 -8.25
N LEU A 121 -20.12 22.93 -9.21
CA LEU A 121 -21.50 22.69 -9.60
C LEU A 121 -21.68 21.40 -10.38
N TYR A 122 -20.66 21.02 -11.16
CA TYR A 122 -20.72 19.77 -11.92
C TYR A 122 -20.63 18.56 -10.96
N GLY A 123 -19.80 18.69 -9.92
CA GLY A 123 -19.62 17.68 -8.88
C GLY A 123 -20.86 17.46 -8.02
N LYS A 124 -21.63 18.54 -7.74
CA LYS A 124 -22.87 18.50 -6.95
C LYS A 124 -24.00 17.88 -7.77
N ARG A 125 -23.83 17.88 -9.09
CA ARG A 125 -24.73 17.30 -10.09
C ARG A 125 -24.18 15.88 -10.48
N GLY A 126 -22.99 15.55 -9.98
CA GLY A 126 -22.35 14.26 -10.22
C GLY A 126 -21.55 14.15 -11.50
N LYS A 127 -21.57 15.20 -12.35
CA LYS A 127 -20.86 15.31 -13.62
C LYS A 127 -19.38 15.53 -13.33
N TYR A 128 -18.67 14.51 -12.76
CA TYR A 128 -17.25 14.63 -12.41
C TYR A 128 -16.34 14.69 -13.65
N LYS A 129 -16.57 13.81 -14.65
CA LYS A 129 -15.83 13.74 -15.92
C LYS A 129 -15.76 15.09 -16.63
N GLU A 130 -16.81 15.90 -16.42
CA GLU A 130 -17.11 17.23 -16.96
C GLU A 130 -16.52 18.40 -16.17
N ALA A 131 -16.21 18.18 -14.88
CA ALA A 131 -15.61 19.18 -13.98
C ALA A 131 -14.10 19.13 -14.09
N GLU A 132 -13.57 17.91 -14.36
CA GLU A 132 -12.15 17.59 -14.52
C GLU A 132 -11.45 18.53 -15.50
N PRO A 133 -11.96 18.76 -16.74
CA PRO A 133 -11.22 19.65 -17.66
C PRO A 133 -11.22 21.10 -17.24
N LEU A 134 -12.21 21.50 -16.43
CA LEU A 134 -12.31 22.86 -15.92
C LEU A 134 -11.28 23.07 -14.85
N CYS A 135 -11.13 22.07 -13.98
CA CYS A 135 -10.24 22.12 -12.83
C CYS A 135 -8.79 22.06 -13.21
N LYS A 136 -8.44 21.50 -14.38
CA LYS A 136 -7.04 21.48 -14.79
C LYS A 136 -6.69 22.84 -15.31
N ARG A 137 -7.67 23.54 -15.99
CA ARG A 137 -7.54 24.89 -16.55
C ARG A 137 -7.39 25.95 -15.47
N ALA A 138 -8.10 25.76 -14.31
CA ALA A 138 -8.11 26.59 -13.06
C ALA A 138 -6.75 26.49 -12.33
N LEU A 139 -6.11 25.36 -12.56
CA LEU A 139 -4.83 24.96 -12.06
C LEU A 139 -3.80 25.55 -12.98
N GLU A 140 -3.90 25.33 -14.31
CA GLU A 140 -2.94 25.89 -15.27
C GLU A 140 -2.82 27.43 -15.10
N ILE A 141 -3.97 28.15 -14.87
CA ILE A 141 -4.00 29.61 -14.63
C ILE A 141 -3.28 29.92 -13.31
N ARG A 142 -3.50 29.10 -12.28
CA ARG A 142 -2.85 29.22 -10.97
C ARG A 142 -1.31 28.97 -11.04
N GLU A 143 -0.89 27.95 -11.83
CA GLU A 143 0.48 27.53 -12.10
C GLU A 143 1.27 28.69 -12.73
N LYS A 144 0.61 29.50 -13.61
CA LYS A 144 1.20 30.67 -14.29
C LYS A 144 1.19 31.89 -13.37
N VAL A 145 0.03 32.17 -12.77
CA VAL A 145 -0.19 33.30 -11.86
C VAL A 145 0.71 33.20 -10.62
N LEU A 146 0.43 32.23 -9.74
CA LEU A 146 1.11 32.01 -8.45
C LEU A 146 2.49 31.31 -8.51
N GLY A 147 2.73 30.52 -9.54
CA GLY A 147 3.96 29.77 -9.70
C GLY A 147 3.72 28.32 -9.32
N LYS A 148 4.30 27.38 -10.11
CA LYS A 148 4.17 25.91 -9.95
C LYS A 148 4.24 25.41 -8.49
N PHE A 149 5.01 26.08 -7.62
CA PHE A 149 5.17 25.64 -6.23
C PHE A 149 4.57 26.59 -5.18
N HIS A 150 3.37 27.09 -5.43
CA HIS A 150 2.71 27.95 -4.45
C HIS A 150 1.77 27.08 -3.62
N PRO A 151 1.57 27.32 -2.30
CA PRO A 151 0.64 26.46 -1.52
C PRO A 151 -0.83 26.46 -1.97
N ASP A 152 -1.25 27.49 -2.72
CA ASP A 152 -2.61 27.56 -3.25
C ASP A 152 -2.73 26.65 -4.46
N VAL A 153 -1.58 26.31 -5.09
CA VAL A 153 -1.48 25.35 -6.19
C VAL A 153 -1.62 23.95 -5.56
N ALA A 154 -1.06 23.77 -4.34
CA ALA A 154 -1.15 22.51 -3.58
C ALA A 154 -2.61 22.18 -3.21
N LYS A 155 -3.45 23.23 -2.89
CA LYS A 155 -4.86 23.00 -2.58
C LYS A 155 -5.65 22.70 -3.84
N GLN A 156 -5.31 23.36 -4.97
CA GLN A 156 -5.93 23.11 -6.28
C GLN A 156 -5.65 21.65 -6.74
N LEU A 157 -4.42 21.15 -6.46
CA LEU A 157 -4.00 19.78 -6.77
C LEU A 157 -4.79 18.83 -5.85
N SER A 158 -4.88 19.12 -4.53
CA SER A 158 -5.59 18.30 -3.53
C SER A 158 -7.10 18.17 -3.81
N ASN A 159 -7.61 19.11 -4.65
CA ASN A 159 -9.00 19.20 -5.12
C ASN A 159 -9.15 18.36 -6.38
N LEU A 160 -8.27 18.61 -7.38
CA LEU A 160 -8.20 17.98 -8.69
C LEU A 160 -7.90 16.45 -8.59
N ALA A 161 -7.38 16.02 -7.45
CA ALA A 161 -7.11 14.62 -7.23
C ALA A 161 -8.39 13.94 -6.73
N LEU A 162 -9.19 14.63 -5.84
CA LEU A 162 -10.50 14.20 -5.30
C LEU A 162 -11.50 13.90 -6.45
N LEU A 163 -11.44 14.74 -7.52
CA LEU A 163 -12.22 14.71 -8.75
C LEU A 163 -11.85 13.47 -9.57
N CYS A 164 -10.55 13.13 -9.59
CA CYS A 164 -10.02 11.95 -10.29
C CYS A 164 -10.34 10.67 -9.49
N GLN A 165 -10.56 10.77 -8.17
CA GLN A 165 -10.90 9.67 -7.26
C GLN A 165 -12.38 9.35 -7.48
N ASN A 166 -13.22 10.41 -7.60
CA ASN A 166 -14.67 10.30 -7.85
C ASN A 166 -14.90 9.81 -9.27
N GLN A 167 -13.82 9.58 -10.02
CA GLN A 167 -13.85 9.05 -11.38
C GLN A 167 -13.22 7.66 -11.43
N GLY A 168 -12.54 7.29 -10.34
CA GLY A 168 -11.84 6.01 -10.22
C GLY A 168 -10.59 5.93 -11.08
N LYS A 169 -9.92 7.08 -11.26
CA LYS A 169 -8.69 7.25 -12.04
C LYS A 169 -7.48 7.26 -11.08
N ALA A 170 -7.37 6.21 -10.22
CA ALA A 170 -6.36 6.02 -9.17
C ALA A 170 -4.98 6.54 -9.52
N GLU A 171 -4.44 6.18 -10.69
CA GLU A 171 -3.13 6.60 -11.19
C GLU A 171 -2.93 8.13 -11.15
N GLU A 172 -3.99 8.91 -11.40
CA GLU A 172 -3.96 10.38 -11.39
C GLU A 172 -4.11 10.88 -9.97
N VAL A 173 -5.00 10.24 -9.17
CA VAL A 173 -5.26 10.54 -7.75
C VAL A 173 -3.94 10.48 -6.99
N GLU A 174 -3.14 9.47 -7.28
CA GLU A 174 -1.81 9.25 -6.73
C GLU A 174 -0.92 10.41 -7.14
N TYR A 175 -0.83 10.72 -8.46
CA TYR A 175 0.02 11.76 -9.02
C TYR A 175 -0.14 13.11 -8.37
N TYR A 176 -1.35 13.71 -8.42
CA TYR A 176 -1.65 15.04 -7.89
C TYR A 176 -1.42 15.16 -6.37
N TYR A 177 -1.78 14.12 -5.55
CA TYR A 177 -1.55 14.15 -4.09
C TYR A 177 -0.08 14.23 -3.80
N ARG A 178 0.74 13.52 -4.58
CA ARG A 178 2.20 13.51 -4.46
C ARG A 178 2.80 14.88 -4.81
N ARG A 179 2.15 15.55 -5.79
CA ARG A 179 2.48 16.87 -6.33
C ARG A 179 2.16 17.90 -5.27
N ALA A 180 1.00 17.72 -4.59
CA ALA A 180 0.52 18.58 -3.53
C ALA A 180 1.42 18.41 -2.32
N LEU A 181 1.87 17.16 -2.08
CA LEU A 181 2.72 16.81 -0.95
C LEU A 181 4.10 17.45 -1.10
N GLU A 182 4.61 17.48 -2.36
CA GLU A 182 5.88 18.07 -2.74
C GLU A 182 5.89 19.56 -2.28
N ILE A 183 4.78 20.32 -2.53
CA ILE A 183 4.58 21.74 -2.16
C ILE A 183 4.39 21.90 -0.62
N TYR A 184 3.41 21.17 -0.04
CA TYR A 184 3.08 21.17 1.38
C TYR A 184 4.29 20.85 2.27
N ALA A 185 5.03 19.77 1.94
CA ALA A 185 6.19 19.37 2.70
C ALA A 185 7.35 20.34 2.50
N THR A 186 7.64 20.75 1.25
CA THR A 186 8.76 21.63 0.97
C THR A 186 8.49 23.07 1.43
N ARG A 187 7.52 23.79 0.81
CA ARG A 187 7.20 25.19 1.16
C ARG A 187 6.84 25.37 2.66
N LEU A 188 5.95 24.51 3.22
CA LEU A 188 5.54 24.59 4.64
C LEU A 188 6.40 23.71 5.57
N GLY A 189 6.13 23.77 6.87
CA GLY A 189 6.85 23.03 7.90
C GLY A 189 6.66 21.51 7.91
N PRO A 190 7.12 20.83 9.00
CA PRO A 190 7.01 19.36 9.05
C PRO A 190 5.76 18.86 9.78
N ASP A 191 5.46 19.46 10.95
CA ASP A 191 4.31 19.13 11.78
C ASP A 191 2.99 19.55 11.13
N ASP A 192 3.05 20.53 10.16
CA ASP A 192 1.96 21.10 9.37
C ASP A 192 0.78 20.14 9.13
N PRO A 193 -0.47 20.67 9.30
CA PRO A 193 -1.66 19.84 9.12
C PRO A 193 -1.86 19.25 7.72
N ASN A 194 -1.48 20.00 6.68
CA ASN A 194 -1.62 19.60 5.28
C ASN A 194 -0.60 18.56 4.91
N VAL A 195 0.54 18.55 5.60
CA VAL A 195 1.61 17.59 5.38
C VAL A 195 1.08 16.20 5.83
N ALA A 196 0.49 16.16 7.03
CA ALA A 196 -0.10 14.96 7.63
C ALA A 196 -1.37 14.49 6.90
N LYS A 197 -2.24 15.44 6.52
CA LYS A 197 -3.51 15.21 5.83
C LYS A 197 -3.29 14.64 4.43
N THR A 198 -2.39 15.27 3.62
CA THR A 198 -2.09 14.84 2.23
C THR A 198 -1.39 13.46 2.22
N LYS A 199 -0.54 13.20 3.23
CA LYS A 199 0.14 11.92 3.37
C LYS A 199 -0.94 10.87 3.45
N ASN A 200 -1.87 11.03 4.43
CA ASN A 200 -2.99 10.15 4.73
C ASN A 200 -3.90 9.88 3.52
N ASN A 201 -4.19 10.94 2.73
CA ASN A 201 -5.03 10.91 1.53
C ASN A 201 -4.38 10.05 0.44
N LEU A 202 -3.05 10.21 0.29
CA LEU A 202 -2.20 9.46 -0.64
C LEU A 202 -2.07 8.04 -0.17
N ALA A 203 -1.95 7.87 1.16
CA ALA A 203 -1.88 6.59 1.84
C ALA A 203 -3.18 5.83 1.58
N SER A 204 -4.35 6.51 1.58
CA SER A 204 -5.63 5.87 1.24
C SER A 204 -5.61 5.39 -0.21
N CYS A 205 -5.18 6.28 -1.14
CA CYS A 205 -5.08 6.02 -2.57
C CYS A 205 -4.22 4.80 -2.90
N TYR A 206 -3.08 4.66 -2.19
CA TYR A 206 -2.18 3.52 -2.35
C TYR A 206 -2.92 2.23 -2.02
N LEU A 207 -3.70 2.21 -0.92
CA LEU A 207 -4.51 1.06 -0.53
C LEU A 207 -5.61 0.75 -1.56
N LYS A 208 -6.28 1.82 -2.07
CA LYS A 208 -7.35 1.73 -3.08
C LYS A 208 -6.83 0.99 -4.33
N GLN A 209 -5.46 0.93 -4.49
CA GLN A 209 -4.80 0.27 -5.62
C GLN A 209 -3.89 -0.93 -5.20
N GLY A 210 -3.92 -1.28 -3.93
CA GLY A 210 -3.15 -2.42 -3.43
C GLY A 210 -1.67 -2.22 -3.23
N LYS A 211 -1.23 -0.94 -3.07
CA LYS A 211 0.16 -0.54 -2.80
C LYS A 211 0.29 -0.44 -1.25
N TYR A 212 0.22 -1.60 -0.58
CA TYR A 212 0.18 -1.65 0.88
C TYR A 212 1.48 -1.24 1.56
N GLN A 213 2.67 -1.52 0.99
CA GLN A 213 3.92 -1.10 1.66
C GLN A 213 4.02 0.43 1.62
N ASP A 214 3.68 1.05 0.47
CA ASP A 214 3.69 2.49 0.22
C ASP A 214 2.78 3.21 1.26
N ALA A 215 1.57 2.67 1.47
CA ALA A 215 0.58 3.14 2.44
C ALA A 215 1.09 3.06 3.87
N GLU A 216 1.57 1.88 4.31
CA GLU A 216 2.15 1.61 5.64
C GLU A 216 3.30 2.58 5.92
N THR A 217 4.14 2.83 4.88
CA THR A 217 5.31 3.70 4.92
C THR A 217 4.84 5.06 5.32
N LEU A 218 3.81 5.61 4.63
CA LEU A 218 3.25 6.94 4.91
C LEU A 218 2.68 7.04 6.32
N TYR A 219 1.82 6.07 6.71
CA TYR A 219 1.17 5.98 8.02
C TYR A 219 2.23 5.95 9.10
N LYS A 220 3.39 5.33 8.81
CA LYS A 220 4.51 5.33 9.74
C LYS A 220 5.10 6.78 9.91
N GLU A 221 5.51 7.44 8.78
CA GLU A 221 6.11 8.78 8.71
C GLU A 221 5.38 9.78 9.59
N ILE A 222 4.01 9.85 9.42
CA ILE A 222 3.09 10.74 10.16
C ILE A 222 3.28 10.54 11.68
N LEU A 223 3.23 9.28 12.10
CA LEU A 223 3.39 8.86 13.47
C LEU A 223 4.80 9.13 14.02
N THR A 224 5.87 8.82 13.24
CA THR A 224 7.26 9.07 13.66
C THR A 224 7.37 10.55 14.05
N ARG A 225 6.87 11.44 13.18
CA ARG A 225 6.86 12.85 13.43
C ARG A 225 5.95 13.22 14.59
N ALA A 226 4.77 12.60 14.69
CA ALA A 226 3.76 12.86 15.76
C ALA A 226 4.28 12.56 17.13
N HIS A 227 5.11 11.51 17.21
CA HIS A 227 5.78 11.05 18.42
C HIS A 227 7.00 11.92 18.63
N GLU A 228 7.66 12.36 17.54
CA GLU A 228 8.83 13.24 17.60
C GLU A 228 8.43 14.66 18.07
N LYS A 229 7.14 15.02 17.88
CA LYS A 229 6.53 16.30 18.25
C LYS A 229 6.29 16.37 19.77
N GLU A 230 5.60 15.36 20.35
CA GLU A 230 5.24 15.34 21.78
C GLU A 230 6.22 14.58 22.70
N PHE A 231 7.13 13.77 22.13
CA PHE A 231 8.12 13.00 22.91
C PHE A 231 9.57 13.48 22.71
N GLY A 232 9.74 14.68 22.15
CA GLY A 232 11.05 15.31 21.92
C GLY A 232 11.79 14.90 20.66
N SER A 233 12.33 13.65 20.65
CA SER A 233 13.08 13.07 19.53
C SER A 233 13.14 11.53 19.55
N VAL A 234 13.41 10.91 18.37
CA VAL A 234 13.47 9.45 18.20
C VAL A 234 14.87 8.89 18.56
N ASN A 235 14.86 8.09 19.62
CA ASN A 235 15.98 7.41 20.24
C ASN A 235 15.87 5.93 19.88
N GLY A 236 16.75 5.15 20.50
CA GLY A 236 16.78 3.70 20.40
C GLY A 236 16.08 3.10 21.60
N GLU A 237 15.77 3.95 22.61
CA GLU A 237 15.06 3.57 23.83
C GLU A 237 13.70 4.25 23.95
N ASN A 238 13.45 5.28 23.11
CA ASN A 238 12.18 5.98 23.00
C ASN A 238 11.79 6.03 21.50
N LYS A 239 11.14 4.97 21.05
CA LYS A 239 10.74 4.75 19.66
C LYS A 239 9.24 5.12 19.41
N PRO A 240 8.74 5.22 18.13
CA PRO A 240 7.30 5.54 17.92
C PRO A 240 6.35 4.37 18.22
N ILE A 241 5.00 4.60 18.27
CA ILE A 241 4.02 3.54 18.62
C ILE A 241 4.16 2.31 17.80
N TRP A 242 4.23 2.48 16.47
CA TRP A 242 4.33 1.41 15.48
C TRP A 242 5.53 0.49 15.67
N MET A 243 6.64 1.05 16.21
CA MET A 243 7.87 0.33 16.47
C MET A 243 7.74 -0.49 17.75
N HIS A 244 7.01 0.05 18.75
CA HIS A 244 6.72 -0.65 20.00
C HIS A 244 5.73 -1.76 19.70
N ALA A 245 4.79 -1.50 18.75
CA ALA A 245 3.77 -2.43 18.27
C ALA A 245 4.36 -3.60 17.47
N GLU A 246 5.30 -3.33 16.54
CA GLU A 246 5.96 -4.34 15.71
C GLU A 246 6.95 -5.20 16.54
N GLU A 247 7.40 -4.65 17.69
CA GLU A 247 8.27 -5.34 18.64
C GLU A 247 7.43 -6.15 19.61
N ARG A 248 6.20 -5.64 19.98
CA ARG A 248 5.24 -6.34 20.84
C ARG A 248 4.73 -7.60 20.15
N GLU A 249 4.79 -7.62 18.78
CA GLU A 249 4.43 -8.74 17.91
C GLU A 249 5.45 -9.91 18.06
N GLU A 250 6.63 -9.63 18.68
CA GLU A 250 7.70 -10.60 18.91
C GLU A 250 7.89 -10.85 20.41
N SER A 275 -2.41 16.39 16.94
CA SER A 275 -2.91 16.26 15.56
C SER A 275 -4.21 15.42 15.50
N PRO A 276 -5.32 15.96 14.91
CA PRO A 276 -6.57 15.16 14.84
C PRO A 276 -6.47 14.06 13.78
N THR A 277 -5.67 14.36 12.75
CA THR A 277 -5.37 13.53 11.59
C THR A 277 -4.55 12.32 12.00
N VAL A 278 -4.04 12.30 13.25
CA VAL A 278 -3.23 11.19 13.71
C VAL A 278 -4.10 10.04 14.26
N ASN A 279 -5.30 10.32 14.85
CA ASN A 279 -6.24 9.28 15.33
C ASN A 279 -6.65 8.35 14.17
N THR A 280 -6.74 8.91 12.97
CA THR A 280 -7.09 8.21 11.74
C THR A 280 -5.89 7.39 11.27
N THR A 281 -4.67 7.96 11.36
CA THR A 281 -3.43 7.27 10.98
C THR A 281 -3.28 6.02 11.83
N LEU A 282 -3.48 6.16 13.15
CA LEU A 282 -3.41 5.07 14.12
C LEU A 282 -4.42 3.97 13.79
N ARG A 283 -5.69 4.38 13.47
CA ARG A 283 -6.81 3.51 13.13
C ARG A 283 -6.56 2.75 11.81
N SER A 284 -6.00 3.47 10.81
CA SER A 284 -5.66 2.97 9.50
C SER A 284 -4.52 2.01 9.61
N LEU A 285 -3.33 2.46 10.10
CA LEU A 285 -2.13 1.60 10.24
C LEU A 285 -2.42 0.40 11.11
N GLY A 286 -3.17 0.61 12.19
CA GLY A 286 -3.54 -0.47 13.09
C GLY A 286 -4.24 -1.58 12.34
N ALA A 287 -5.31 -1.22 11.62
CA ALA A 287 -6.08 -2.16 10.83
C ALA A 287 -5.29 -2.69 9.62
N LEU A 288 -4.18 -2.01 9.28
CA LEU A 288 -3.30 -2.44 8.22
C LEU A 288 -2.49 -3.61 8.77
N TYR A 289 -2.06 -3.54 10.05
CA TYR A 289 -1.35 -4.67 10.64
C TYR A 289 -2.28 -5.86 10.73
N ARG A 290 -3.59 -5.61 10.81
CA ARG A 290 -4.60 -6.66 10.88
C ARG A 290 -4.59 -7.52 9.62
N ARG A 291 -4.47 -6.89 8.42
CA ARG A 291 -4.41 -7.59 7.12
C ARG A 291 -3.21 -8.58 7.08
N GLN A 292 -2.05 -8.11 7.60
CA GLN A 292 -0.76 -8.79 7.67
C GLN A 292 -0.73 -9.95 8.69
N GLY A 293 -1.75 -9.99 9.56
CA GLY A 293 -1.90 -10.99 10.62
C GLY A 293 -1.33 -10.51 11.94
N LYS A 294 -0.62 -9.35 11.93
CA LYS A 294 0.02 -8.71 13.07
C LYS A 294 -1.06 -8.17 14.01
N LEU A 295 -1.69 -9.09 14.78
CA LEU A 295 -2.77 -8.76 15.70
C LEU A 295 -2.27 -8.22 17.01
N GLU A 296 -1.13 -8.76 17.52
CA GLU A 296 -0.47 -8.25 18.74
C GLU A 296 0.00 -6.79 18.51
N ALA A 297 0.10 -6.38 17.19
CA ALA A 297 0.49 -5.05 16.69
C ALA A 297 -0.72 -4.23 16.25
N ALA A 298 -1.82 -4.91 15.87
CA ALA A 298 -3.06 -4.25 15.46
C ALA A 298 -3.76 -3.71 16.69
N HIS A 299 -3.88 -4.54 17.76
CA HIS A 299 -4.55 -4.17 19.04
C HIS A 299 -3.86 -2.98 19.71
N THR A 300 -2.52 -2.91 19.66
CA THR A 300 -1.66 -1.87 20.26
C THR A 300 -2.07 -0.44 19.86
N LEU A 301 -2.18 -0.18 18.55
CA LEU A 301 -2.58 1.12 18.05
C LEU A 301 -4.06 1.31 18.25
N GLU A 302 -4.86 0.21 18.13
CA GLU A 302 -6.32 0.23 18.34
C GLU A 302 -6.69 0.56 19.80
N ASP A 303 -5.77 0.20 20.74
CA ASP A 303 -5.83 0.48 22.18
C ASP A 303 -5.40 1.96 22.31
N CYS A 304 -4.30 2.34 21.61
CA CYS A 304 -3.72 3.68 21.64
C CYS A 304 -4.68 4.76 21.12
N ALA A 305 -5.52 4.41 20.14
CA ALA A 305 -6.49 5.29 19.50
C ALA A 305 -7.69 5.60 20.39
N SER A 306 -8.19 4.56 21.10
CA SER A 306 -9.34 4.64 22.01
C SER A 306 -8.99 5.40 23.29
N ARG A 307 -7.69 5.44 23.66
CA ARG A 307 -7.19 6.12 24.84
C ARG A 307 -6.98 7.64 24.61
N SER A 308 -6.27 7.98 23.51
CA SER A 308 -5.89 9.33 23.09
C SER A 308 -7.04 10.34 22.84
N ARG A 309 -8.31 9.98 23.13
CA ARG A 309 -9.45 10.88 22.95
C ARG A 309 -10.11 11.28 24.29
N ILE B 24 -11.91 -37.55 6.45
CA ILE B 24 -11.25 -38.04 7.67
C ILE B 24 -11.26 -39.59 7.68
N PRO B 25 -10.12 -40.28 7.85
CA PRO B 25 -10.17 -41.75 7.86
C PRO B 25 -10.63 -42.28 9.21
N ALA B 26 -11.10 -43.53 9.25
CA ALA B 26 -11.57 -44.21 10.45
C ALA B 26 -10.51 -44.21 11.53
N ARG B 27 -9.29 -44.44 11.08
CA ARG B 27 -8.07 -44.53 11.88
C ARG B 27 -7.78 -43.22 12.60
N LEU B 28 -7.62 -42.12 11.84
CA LEU B 28 -7.33 -40.80 12.38
C LEU B 28 -8.54 -40.14 13.03
N ARG B 29 -9.76 -40.67 12.75
CA ARG B 29 -11.09 -40.22 13.21
C ARG B 29 -11.30 -40.19 14.72
N THR B 30 -10.64 -41.07 15.48
CA THR B 30 -10.85 -41.07 16.92
C THR B 30 -9.83 -40.09 17.58
N LEU B 31 -8.64 -39.86 16.97
CA LEU B 31 -7.65 -38.90 17.47
C LEU B 31 -8.11 -37.47 17.15
N HIS B 32 -8.73 -37.29 15.96
CA HIS B 32 -9.29 -36.02 15.44
C HIS B 32 -10.15 -35.31 16.49
N ASN B 33 -11.29 -35.93 16.87
CA ASN B 33 -12.28 -35.47 17.85
C ASN B 33 -11.66 -35.00 19.17
N LEU B 34 -10.56 -35.63 19.57
CA LEU B 34 -9.87 -35.29 20.80
C LEU B 34 -9.05 -34.02 20.61
N VAL B 35 -8.27 -33.93 19.51
CA VAL B 35 -7.47 -32.73 19.20
C VAL B 35 -8.43 -31.55 18.99
N ILE B 36 -9.54 -31.80 18.25
CA ILE B 36 -10.68 -30.90 17.98
C ILE B 36 -11.16 -30.32 19.32
N GLN B 37 -11.28 -31.19 20.35
CA GLN B 37 -11.70 -30.87 21.71
C GLN B 37 -10.58 -30.15 22.50
N TYR B 38 -9.34 -30.66 22.44
CA TYR B 38 -8.18 -30.12 23.15
C TYR B 38 -7.58 -28.87 22.49
N ALA B 39 -8.26 -28.32 21.47
CA ALA B 39 -7.92 -27.07 20.79
C ALA B 39 -8.97 -26.05 21.20
N SER B 40 -10.27 -26.45 21.09
CA SER B 40 -11.46 -25.68 21.48
C SER B 40 -11.60 -25.64 23.01
N GLN B 41 -10.44 -25.62 23.67
CA GLN B 41 -10.27 -25.57 25.12
C GLN B 41 -8.97 -24.80 25.42
N GLY B 42 -8.31 -24.30 24.36
CA GLY B 42 -7.07 -23.53 24.44
C GLY B 42 -5.89 -24.27 25.06
N ARG B 43 -5.73 -25.55 24.71
CA ARG B 43 -4.64 -26.40 25.20
C ARG B 43 -3.70 -26.76 24.05
N TYR B 44 -3.06 -25.71 23.48
CA TYR B 44 -2.09 -25.72 22.37
C TYR B 44 -0.91 -26.66 22.72
N GLU B 45 -0.54 -26.68 24.01
CA GLU B 45 0.51 -27.50 24.60
C GLU B 45 0.18 -29.01 24.52
N VAL B 46 -1.11 -29.35 24.46
CA VAL B 46 -1.59 -30.73 24.40
C VAL B 46 -1.82 -31.15 22.95
N ALA B 47 -2.59 -30.34 22.20
CA ALA B 47 -3.02 -30.58 20.82
C ALA B 47 -1.91 -30.78 19.79
N VAL B 48 -0.95 -29.83 19.69
CA VAL B 48 0.14 -29.89 18.71
C VAL B 48 0.95 -31.21 18.89
N PRO B 49 1.45 -31.58 20.10
CA PRO B 49 2.18 -32.85 20.23
C PRO B 49 1.38 -34.08 19.84
N LEU B 50 0.05 -34.06 20.08
CA LEU B 50 -0.86 -35.15 19.73
C LEU B 50 -0.90 -35.36 18.23
N CYS B 51 -0.77 -34.26 17.47
CA CYS B 51 -0.74 -34.26 16.01
C CYS B 51 0.67 -34.68 15.59
N LYS B 52 1.68 -33.92 16.05
CA LYS B 52 3.11 -34.11 15.77
C LYS B 52 3.54 -35.55 15.93
N GLN B 53 3.15 -36.17 17.05
CA GLN B 53 3.51 -37.56 17.33
C GLN B 53 2.63 -38.57 16.59
N ALA B 54 1.39 -38.21 16.27
CA ALA B 54 0.54 -39.12 15.49
C ALA B 54 0.98 -39.09 14.02
N LEU B 55 1.71 -38.02 13.60
CA LEU B 55 2.22 -37.87 12.23
C LEU B 55 3.49 -38.71 12.00
N GLU B 56 4.47 -38.65 12.94
CA GLU B 56 5.71 -39.45 12.88
C GLU B 56 5.43 -40.95 13.02
N ASP B 57 4.24 -41.27 13.55
CA ASP B 57 3.73 -42.61 13.74
C ASP B 57 3.32 -43.18 12.41
N LEU B 58 2.47 -42.44 11.71
CA LEU B 58 1.95 -42.81 10.40
C LEU B 58 3.00 -42.66 9.31
N GLU B 59 4.01 -41.78 9.53
CA GLU B 59 5.10 -41.54 8.60
C GLU B 59 5.97 -42.79 8.40
N LYS B 60 6.13 -43.63 9.45
CA LYS B 60 6.89 -44.89 9.40
C LYS B 60 6.00 -46.04 8.84
N THR B 61 4.68 -45.94 9.09
CA THR B 61 3.63 -46.91 8.72
C THR B 61 3.40 -46.98 7.20
N SER B 62 2.86 -45.91 6.59
CA SER B 62 2.55 -45.89 5.15
C SER B 62 3.42 -44.89 4.34
N GLY B 63 4.58 -44.52 4.88
CA GLY B 63 5.52 -43.61 4.24
C GLY B 63 5.12 -42.15 4.37
N HIS B 64 5.92 -41.24 3.82
CA HIS B 64 5.57 -39.82 3.90
C HIS B 64 4.52 -39.46 2.86
N ASP B 65 4.75 -39.88 1.59
CA ASP B 65 3.92 -39.59 0.41
C ASP B 65 2.52 -40.27 0.43
N HIS B 66 2.06 -40.65 1.63
CA HIS B 66 0.76 -41.28 1.80
C HIS B 66 -0.33 -40.24 2.10
N PRO B 67 -1.52 -40.35 1.43
CA PRO B 67 -2.61 -39.38 1.66
C PRO B 67 -3.05 -39.14 3.11
N ASP B 68 -2.82 -40.09 4.01
CA ASP B 68 -3.26 -39.88 5.39
C ASP B 68 -2.31 -38.98 6.18
N VAL B 69 -1.06 -38.81 5.68
CA VAL B 69 -0.08 -37.91 6.28
C VAL B 69 -0.51 -36.52 5.89
N ALA B 70 -0.95 -36.38 4.61
CA ALA B 70 -1.44 -35.14 4.01
C ALA B 70 -2.68 -34.64 4.74
N THR B 71 -3.53 -35.58 5.23
CA THR B 71 -4.76 -35.36 5.97
C THR B 71 -4.39 -34.99 7.41
N MET B 72 -3.31 -35.57 7.90
CA MET B 72 -2.79 -35.26 9.22
C MET B 72 -2.12 -33.90 9.24
N LEU B 73 -1.40 -33.58 8.16
CA LEU B 73 -0.71 -32.31 7.97
C LEU B 73 -1.71 -31.17 7.78
N ASN B 74 -2.98 -31.50 7.47
CA ASN B 74 -4.06 -30.52 7.27
C ASN B 74 -4.80 -30.25 8.57
N ILE B 75 -4.80 -31.25 9.50
CA ILE B 75 -5.49 -31.14 10.78
C ILE B 75 -4.67 -30.33 11.79
N LEU B 76 -3.33 -30.44 11.75
CA LEU B 76 -2.45 -29.66 12.61
C LEU B 76 -2.30 -28.27 12.00
N ALA B 77 -2.32 -28.17 10.66
CA ALA B 77 -2.24 -26.88 9.97
C ALA B 77 -3.45 -26.07 10.38
N LEU B 78 -4.62 -26.74 10.55
CA LEU B 78 -5.84 -26.09 11.01
C LEU B 78 -5.79 -25.78 12.53
N VAL B 79 -4.81 -26.36 13.25
CA VAL B 79 -4.58 -26.11 14.68
C VAL B 79 -3.77 -24.79 14.78
N TYR B 80 -2.69 -24.65 13.98
CA TYR B 80 -1.88 -23.44 13.90
C TYR B 80 -2.72 -22.24 13.40
N ARG B 81 -3.69 -22.47 12.50
CA ARG B 81 -4.60 -21.43 11.98
C ARG B 81 -5.53 -21.03 13.13
N ASP B 82 -6.02 -22.04 13.88
CA ASP B 82 -6.94 -21.88 15.00
C ASP B 82 -6.35 -21.03 16.13
N GLN B 83 -5.01 -21.09 16.33
CA GLN B 83 -4.36 -20.29 17.37
C GLN B 83 -3.28 -19.34 16.78
N ASN B 84 -3.71 -18.55 15.77
CA ASN B 84 -3.08 -17.47 14.96
C ASN B 84 -1.55 -17.56 14.70
N LYS B 85 -1.07 -18.74 14.25
CA LYS B 85 0.34 -18.97 13.89
C LYS B 85 0.40 -19.36 12.37
N TYR B 86 -0.17 -18.47 11.53
CA TYR B 86 -0.32 -18.56 10.07
C TYR B 86 0.97 -18.88 9.32
N LYS B 87 2.12 -18.33 9.76
CA LYS B 87 3.41 -18.60 9.13
C LYS B 87 3.57 -20.11 9.05
N ASP B 88 3.46 -20.77 10.22
CA ASP B 88 3.59 -22.21 10.39
C ASP B 88 2.45 -23.02 9.79
N ALA B 89 1.20 -22.53 9.89
CA ALA B 89 0.03 -23.21 9.35
C ALA B 89 0.18 -23.54 7.85
N ALA B 90 0.64 -22.55 7.07
CA ALA B 90 0.87 -22.66 5.62
C ALA B 90 2.06 -23.57 5.30
N HIS B 91 3.08 -23.62 6.19
CA HIS B 91 4.27 -24.47 6.04
C HIS B 91 3.82 -25.93 5.98
N LEU B 92 2.75 -26.26 6.74
CA LEU B 92 2.12 -27.58 6.84
C LEU B 92 1.22 -27.86 5.65
N LEU B 93 0.43 -26.85 5.22
CA LEU B 93 -0.49 -27.02 4.11
C LEU B 93 0.18 -27.09 2.74
N ASN B 94 1.45 -26.67 2.63
CA ASN B 94 2.20 -26.74 1.37
C ASN B 94 2.75 -28.13 1.25
N ASP B 95 3.12 -28.70 2.40
CA ASP B 95 3.64 -30.06 2.59
C ASP B 95 2.48 -31.04 2.27
N ALA B 96 1.29 -30.78 2.85
CA ALA B 96 0.08 -31.57 2.61
C ALA B 96 -0.20 -31.56 1.09
N LEU B 97 -0.18 -30.37 0.50
CA LEU B 97 -0.40 -30.16 -0.92
C LEU B 97 0.61 -30.90 -1.81
N ALA B 98 1.87 -30.98 -1.37
CA ALA B 98 2.93 -31.67 -2.11
C ALA B 98 2.61 -33.16 -2.15
N ILE B 99 2.13 -33.75 -1.01
CA ILE B 99 1.72 -35.17 -0.91
C ILE B 99 0.48 -35.40 -1.78
N ARG B 100 -0.52 -34.49 -1.69
CA ARG B 100 -1.78 -34.59 -2.42
C ARG B 100 -1.56 -34.48 -3.93
N GLU B 101 -0.68 -33.59 -4.36
CA GLU B 101 -0.30 -33.43 -5.76
C GLU B 101 0.34 -34.76 -6.29
N LYS B 102 1.26 -35.36 -5.50
CA LYS B 102 1.99 -36.58 -5.82
C LYS B 102 1.08 -37.76 -6.17
N THR B 103 0.45 -38.35 -5.14
CA THR B 103 -0.36 -39.55 -5.24
C THR B 103 -1.74 -39.30 -5.91
N LEU B 104 -2.54 -38.37 -5.35
CA LEU B 104 -3.89 -38.10 -5.85
C LEU B 104 -3.91 -37.54 -7.29
N GLY B 105 -3.07 -36.54 -7.57
CA GLY B 105 -2.97 -35.92 -8.90
C GLY B 105 -2.84 -34.40 -8.95
N LYS B 106 -2.27 -33.89 -10.07
CA LYS B 106 -2.04 -32.46 -10.30
C LYS B 106 -3.35 -31.68 -10.36
N ASP B 107 -4.40 -32.29 -10.96
CA ASP B 107 -5.71 -31.65 -11.10
C ASP B 107 -6.84 -32.52 -10.49
N HIS B 108 -6.61 -32.98 -9.25
CA HIS B 108 -7.51 -33.81 -8.48
C HIS B 108 -8.32 -32.94 -7.47
N PRO B 109 -9.60 -33.26 -7.13
CA PRO B 109 -10.39 -32.40 -6.20
C PRO B 109 -9.80 -32.07 -4.80
N ALA B 110 -9.10 -33.04 -4.16
CA ALA B 110 -8.54 -32.86 -2.82
C ALA B 110 -7.32 -31.94 -2.82
N VAL B 111 -6.68 -31.80 -3.98
CA VAL B 111 -5.53 -30.93 -4.19
C VAL B 111 -6.00 -29.49 -4.38
N ALA B 112 -7.23 -29.29 -4.93
CA ALA B 112 -7.83 -27.96 -5.09
C ALA B 112 -8.22 -27.48 -3.70
N ALA B 113 -8.79 -28.41 -2.91
CA ALA B 113 -9.22 -28.22 -1.52
C ALA B 113 -8.12 -27.65 -0.63
N THR B 114 -6.90 -28.17 -0.81
CA THR B 114 -5.76 -27.78 -0.02
C THR B 114 -5.03 -26.58 -0.72
N LEU B 115 -5.37 -26.28 -1.98
CA LEU B 115 -4.82 -25.13 -2.71
C LEU B 115 -5.66 -23.93 -2.32
N ASN B 116 -6.88 -24.20 -1.79
CA ASN B 116 -7.81 -23.19 -1.37
C ASN B 116 -7.58 -22.82 0.07
N ASN B 117 -7.42 -23.82 0.94
CA ASN B 117 -7.18 -23.63 2.37
C ASN B 117 -5.85 -22.88 2.61
N LEU B 118 -4.89 -23.11 1.70
CA LEU B 118 -3.56 -22.52 1.71
C LEU B 118 -3.63 -21.06 1.31
N ALA B 119 -4.54 -20.73 0.36
CA ALA B 119 -4.80 -19.38 -0.14
C ALA B 119 -5.49 -18.52 0.92
N VAL B 120 -6.39 -19.14 1.74
CA VAL B 120 -7.11 -18.51 2.86
C VAL B 120 -6.11 -18.02 3.91
N LEU B 121 -5.03 -18.79 4.10
CA LEU B 121 -3.93 -18.49 5.02
C LEU B 121 -3.04 -17.36 4.54
N TYR B 122 -2.86 -17.22 3.22
CA TYR B 122 -2.07 -16.14 2.65
C TYR B 122 -2.80 -14.80 2.85
N GLY B 123 -4.13 -14.81 2.71
CA GLY B 123 -5.00 -13.65 2.91
C GLY B 123 -5.05 -13.15 4.34
N LYS B 124 -4.99 -14.08 5.32
CA LYS B 124 -4.99 -13.78 6.75
C LYS B 124 -3.65 -13.20 7.19
N ARG B 125 -2.60 -13.47 6.38
CA ARG B 125 -1.23 -13.02 6.52
C ARG B 125 -1.05 -11.76 5.61
N GLY B 126 -2.05 -11.44 4.81
CA GLY B 126 -2.05 -10.29 3.92
C GLY B 126 -1.39 -10.48 2.56
N LYS B 127 -0.77 -11.66 2.34
CA LYS B 127 -0.10 -12.06 1.11
C LYS B 127 -1.17 -12.37 0.03
N TYR B 128 -1.92 -11.34 -0.44
CA TYR B 128 -2.99 -11.52 -1.43
C TYR B 128 -2.45 -11.89 -2.81
N LYS B 129 -1.41 -11.18 -3.30
CA LYS B 129 -0.73 -11.41 -4.59
C LYS B 129 -0.32 -12.85 -4.79
N GLU B 130 0.01 -13.51 -3.64
CA GLU B 130 0.51 -14.88 -3.43
C GLU B 130 -0.60 -15.94 -3.32
N ALA B 131 -1.83 -15.53 -2.95
CA ALA B 131 -2.99 -16.40 -2.81
C ALA B 131 -3.70 -16.52 -4.15
N GLU B 132 -3.65 -15.43 -4.93
CA GLU B 132 -4.25 -15.28 -6.27
C GLU B 132 -3.90 -16.44 -7.21
N PRO B 133 -2.61 -16.85 -7.39
CA PRO B 133 -2.31 -17.95 -8.31
C PRO B 133 -2.81 -19.29 -7.84
N LEU B 134 -2.98 -19.45 -6.52
CA LEU B 134 -3.50 -20.69 -5.92
C LEU B 134 -4.98 -20.81 -6.20
N CYS B 135 -5.71 -19.66 -6.09
CA CYS B 135 -7.15 -19.64 -6.28
C CYS B 135 -7.55 -19.85 -7.73
N LYS B 136 -6.72 -19.41 -8.68
CA LYS B 136 -6.97 -19.64 -10.10
C LYS B 136 -6.81 -21.12 -10.44
N ARG B 137 -5.89 -21.84 -9.75
CA ARG B 137 -5.64 -23.29 -9.90
C ARG B 137 -6.76 -24.08 -9.28
N ALA B 138 -7.39 -23.53 -8.21
CA ALA B 138 -8.55 -24.09 -7.51
C ALA B 138 -9.80 -23.96 -8.39
N LEU B 139 -9.80 -22.90 -9.23
CA LEU B 139 -10.87 -22.64 -10.17
C LEU B 139 -10.73 -23.58 -11.33
N GLU B 140 -9.51 -23.74 -11.89
CA GLU B 140 -9.28 -24.66 -13.01
C GLU B 140 -9.64 -26.11 -12.65
N ILE B 141 -9.34 -26.56 -11.41
CA ILE B 141 -9.66 -27.91 -10.95
C ILE B 141 -11.20 -28.05 -10.80
N ARG B 142 -11.92 -26.98 -10.36
CA ARG B 142 -13.40 -26.93 -10.20
C ARG B 142 -14.15 -26.82 -11.57
N GLU B 143 -13.57 -26.04 -12.52
CA GLU B 143 -14.03 -25.79 -13.90
C GLU B 143 -14.04 -27.12 -14.68
N LYS B 144 -13.01 -27.99 -14.45
CA LYS B 144 -12.87 -29.31 -15.10
C LYS B 144 -13.74 -30.34 -14.39
N VAL B 145 -13.65 -30.40 -13.05
CA VAL B 145 -14.38 -31.34 -12.21
C VAL B 145 -15.91 -31.12 -12.33
N LEU B 146 -16.41 -29.99 -11.82
CA LEU B 146 -17.85 -29.66 -11.79
C LEU B 146 -18.46 -29.09 -13.09
N GLY B 147 -17.64 -28.52 -13.96
CA GLY B 147 -18.10 -27.91 -15.20
C GLY B 147 -18.15 -26.40 -15.05
N LYS B 148 -17.70 -25.66 -16.10
CA LYS B 148 -17.63 -24.19 -16.17
C LYS B 148 -18.83 -23.44 -15.56
N PHE B 149 -20.04 -24.02 -15.64
CA PHE B 149 -21.25 -23.35 -15.15
C PHE B 149 -21.89 -24.04 -13.94
N HIS B 150 -21.09 -24.49 -12.98
CA HIS B 150 -21.65 -25.10 -11.78
C HIS B 150 -21.76 -24.01 -10.70
N PRO B 151 -22.78 -23.99 -9.82
CA PRO B 151 -22.85 -22.93 -8.79
C PRO B 151 -21.68 -22.88 -7.79
N ASP B 152 -20.95 -23.98 -7.64
CA ASP B 152 -19.81 -24.01 -6.75
C ASP B 152 -18.63 -23.33 -7.43
N VAL B 153 -18.67 -23.19 -8.79
CA VAL B 153 -17.69 -22.47 -9.62
C VAL B 153 -17.99 -20.99 -9.41
N ALA B 154 -19.30 -20.63 -9.28
CA ALA B 154 -19.76 -19.26 -9.03
C ALA B 154 -19.25 -18.75 -7.67
N LYS B 155 -19.18 -19.63 -6.62
CA LYS B 155 -18.66 -19.22 -5.31
C LYS B 155 -17.16 -19.08 -5.34
N GLN B 156 -16.45 -19.97 -6.09
CA GLN B 156 -15.00 -19.89 -6.29
C GLN B 156 -14.64 -18.54 -7.00
N LEU B 157 -15.48 -18.11 -7.99
CA LEU B 157 -15.31 -16.86 -8.74
C LEU B 157 -15.56 -15.69 -7.80
N SER B 158 -16.70 -15.69 -7.06
CA SER B 158 -17.04 -14.60 -6.12
C SER B 158 -15.94 -14.38 -5.04
N ASN B 159 -15.13 -15.46 -4.75
CA ASN B 159 -14.02 -15.48 -3.80
C ASN B 159 -12.80 -14.86 -4.47
N LEU B 160 -12.43 -15.39 -5.66
CA LEU B 160 -11.29 -15.00 -6.49
C LEU B 160 -11.40 -13.53 -6.96
N ALA B 161 -12.61 -12.93 -6.83
CA ALA B 161 -12.95 -11.56 -7.17
C ALA B 161 -12.58 -10.67 -6.00
N LEU B 162 -12.88 -11.11 -4.76
CA LEU B 162 -12.55 -10.48 -3.47
C LEU B 162 -11.04 -10.30 -3.30
N LEU B 163 -10.26 -11.31 -3.75
CA LEU B 163 -8.81 -11.42 -3.75
C LEU B 163 -8.17 -10.39 -4.70
N CYS B 164 -8.83 -10.15 -5.84
CA CYS B 164 -8.39 -9.16 -6.82
C CYS B 164 -8.73 -7.74 -6.34
N GLN B 165 -9.79 -7.61 -5.49
CA GLN B 165 -10.25 -6.34 -4.91
C GLN B 165 -9.24 -5.93 -3.83
N ASN B 166 -8.79 -6.91 -3.00
CA ASN B 166 -7.79 -6.72 -1.96
C ASN B 166 -6.42 -6.47 -2.60
N GLN B 167 -6.36 -6.49 -3.92
CA GLN B 167 -5.16 -6.19 -4.69
C GLN B 167 -5.34 -4.88 -5.47
N GLY B 168 -6.58 -4.39 -5.54
CA GLY B 168 -6.94 -3.18 -6.27
C GLY B 168 -6.85 -3.36 -7.77
N LYS B 169 -7.19 -4.59 -8.25
CA LYS B 169 -7.17 -4.99 -9.66
C LYS B 169 -8.61 -4.95 -10.19
N ALA B 170 -9.29 -3.78 -10.02
CA ALA B 170 -10.69 -3.50 -10.36
C ALA B 170 -11.20 -4.20 -11.60
N GLU B 171 -10.46 -4.11 -12.73
CA GLU B 171 -10.77 -4.74 -14.01
C GLU B 171 -11.08 -6.25 -13.89
N GLU B 172 -10.38 -6.95 -13.00
CA GLU B 172 -10.54 -8.39 -12.76
C GLU B 172 -11.71 -8.63 -11.82
N VAL B 173 -11.83 -7.77 -10.77
CA VAL B 173 -12.91 -7.82 -9.77
C VAL B 173 -14.25 -7.76 -10.49
N GLU B 174 -14.35 -6.89 -11.48
CA GLU B 174 -15.50 -6.70 -12.34
C GLU B 174 -15.73 -7.99 -13.10
N TYR B 175 -14.71 -8.53 -13.80
CA TYR B 175 -14.79 -9.73 -14.64
C TYR B 175 -15.36 -10.93 -13.94
N TYR B 176 -14.73 -11.42 -12.84
CA TYR B 176 -15.14 -12.63 -12.10
C TYR B 176 -16.52 -12.52 -11.50
N TYR B 177 -16.86 -11.35 -10.92
CA TYR B 177 -18.18 -11.10 -10.34
C TYR B 177 -19.29 -11.24 -11.41
N ARG B 178 -19.04 -10.77 -12.65
CA ARG B 178 -19.91 -10.87 -13.83
C ARG B 178 -20.07 -12.32 -14.28
N ARG B 179 -18.97 -13.10 -14.17
CA ARG B 179 -18.84 -14.52 -14.49
C ARG B 179 -19.65 -15.32 -13.49
N ALA B 180 -19.57 -14.93 -12.20
CA ALA B 180 -20.28 -15.54 -11.08
C ALA B 180 -21.77 -15.24 -11.24
N LEU B 181 -22.08 -14.03 -11.70
CA LEU B 181 -23.45 -13.56 -11.90
C LEU B 181 -24.12 -14.35 -13.03
N GLU B 182 -23.36 -14.64 -14.08
CA GLU B 182 -23.79 -15.41 -15.24
C GLU B 182 -24.33 -16.77 -14.76
N ILE B 183 -23.59 -17.46 -13.85
CA ILE B 183 -23.93 -18.77 -13.25
C ILE B 183 -25.13 -18.65 -12.26
N TYR B 184 -25.01 -17.74 -11.25
CA TYR B 184 -26.02 -17.46 -10.24
C TYR B 184 -27.38 -17.11 -10.85
N ALA B 185 -27.40 -16.18 -11.81
CA ALA B 185 -28.62 -15.75 -12.46
C ALA B 185 -29.18 -16.85 -13.36
N THR B 186 -28.32 -17.49 -14.19
CA THR B 186 -28.78 -18.51 -15.13
C THR B 186 -29.17 -19.80 -14.41
N ARG B 187 -28.19 -20.54 -13.81
CA ARG B 187 -28.45 -21.81 -13.11
C ARG B 187 -29.52 -21.71 -11.99
N LEU B 188 -29.42 -20.69 -11.12
CA LEU B 188 -30.38 -20.49 -10.02
C LEU B 188 -31.53 -19.54 -10.40
N GLY B 189 -32.48 -19.36 -9.47
CA GLY B 189 -33.65 -18.52 -9.67
C GLY B 189 -33.42 -17.01 -9.77
N PRO B 190 -34.50 -16.21 -9.70
CA PRO B 190 -34.35 -14.75 -9.84
C PRO B 190 -34.25 -14.01 -8.50
N ASP B 191 -35.14 -14.39 -7.54
CA ASP B 191 -35.20 -13.83 -6.19
C ASP B 191 -33.99 -14.23 -5.33
N ASP B 192 -33.27 -15.33 -5.75
CA ASP B 192 -32.07 -15.93 -5.14
C ASP B 192 -31.15 -14.92 -4.44
N PRO B 193 -30.66 -15.29 -3.22
CA PRO B 193 -29.80 -14.39 -2.45
C PRO B 193 -28.45 -14.02 -3.10
N ASN B 194 -27.86 -14.98 -3.83
CA ASN B 194 -26.58 -14.80 -4.52
C ASN B 194 -26.73 -13.94 -5.75
N VAL B 195 -27.92 -13.94 -6.37
CA VAL B 195 -28.22 -13.13 -7.53
C VAL B 195 -28.18 -11.67 -7.10
N ALA B 196 -28.87 -11.35 -5.98
CA ALA B 196 -28.96 -10.02 -5.40
C ALA B 196 -27.63 -9.55 -4.79
N LYS B 197 -26.92 -10.47 -4.10
CA LYS B 197 -25.65 -10.22 -3.41
C LYS B 197 -24.54 -9.93 -4.43
N THR B 198 -24.39 -10.77 -5.49
CA THR B 198 -23.36 -10.62 -6.54
C THR B 198 -23.59 -9.35 -7.38
N LYS B 199 -24.88 -9.01 -7.60
CA LYS B 199 -25.24 -7.80 -8.33
C LYS B 199 -24.64 -6.62 -7.55
N ASN B 200 -24.98 -6.53 -6.26
CA ASN B 200 -24.55 -5.51 -5.31
C ASN B 200 -23.04 -5.35 -5.23
N ASN B 201 -22.30 -6.51 -5.18
CA ASN B 201 -20.85 -6.60 -5.11
C ASN B 201 -20.21 -6.01 -6.37
N LEU B 202 -20.81 -6.33 -7.55
CA LEU B 202 -20.39 -5.83 -8.87
C LEU B 202 -20.73 -4.35 -8.95
N ALA B 203 -21.90 -3.96 -8.41
CA ALA B 203 -22.38 -2.61 -8.32
C ALA B 203 -21.40 -1.79 -7.51
N SER B 204 -20.85 -2.35 -6.41
CA SER B 204 -19.82 -1.66 -5.61
C SER B 204 -18.58 -1.45 -6.45
N CYS B 205 -18.10 -2.53 -7.14
CA CYS B 205 -16.92 -2.52 -8.01
C CYS B 205 -16.99 -1.44 -9.11
N TYR B 206 -18.18 -1.28 -9.73
CA TYR B 206 -18.41 -0.28 -10.75
C TYR B 206 -18.17 1.11 -10.17
N LEU B 207 -18.67 1.37 -8.95
CA LEU B 207 -18.47 2.66 -8.26
C LEU B 207 -17.00 2.89 -7.92
N LYS B 208 -16.30 1.80 -7.43
CA LYS B 208 -14.88 1.80 -7.07
C LYS B 208 -14.01 2.28 -8.26
N GLN B 209 -14.60 2.19 -9.50
CA GLN B 209 -13.94 2.60 -10.75
C GLN B 209 -14.66 3.76 -11.50
N GLY B 210 -15.69 4.33 -10.87
CA GLY B 210 -16.42 5.46 -11.43
C GLY B 210 -17.38 5.16 -12.56
N LYS B 211 -17.87 3.90 -12.64
CA LYS B 211 -18.88 3.41 -13.60
C LYS B 211 -20.28 3.58 -12.90
N TYR B 212 -20.69 4.82 -12.69
CA TYR B 212 -21.89 5.12 -11.92
C TYR B 212 -23.20 4.71 -12.60
N GLN B 213 -23.32 4.78 -13.94
CA GLN B 213 -24.59 4.37 -14.58
C GLN B 213 -24.76 2.86 -14.43
N ASP B 214 -23.66 2.09 -14.64
CA ASP B 214 -23.60 0.63 -14.54
C ASP B 214 -24.08 0.18 -13.11
N ALA B 215 -23.56 0.87 -12.07
CA ALA B 215 -23.87 0.67 -10.67
C ALA B 215 -25.35 0.94 -10.38
N GLU B 216 -25.87 2.11 -10.75
CA GLU B 216 -27.27 2.54 -10.60
C GLU B 216 -28.21 1.53 -11.25
N THR B 217 -27.81 1.04 -12.46
CA THR B 217 -28.54 0.07 -13.28
C THR B 217 -28.74 -1.16 -12.44
N LEU B 218 -27.67 -1.72 -11.85
CA LEU B 218 -27.73 -2.92 -11.00
C LEU B 218 -28.63 -2.74 -9.78
N TYR B 219 -28.41 -1.63 -9.02
CA TYR B 219 -29.16 -1.27 -7.82
C TYR B 219 -30.64 -1.15 -8.16
N LYS B 220 -30.95 -0.71 -9.39
CA LYS B 220 -32.32 -0.66 -9.87
C LYS B 220 -32.92 -2.09 -10.02
N GLU B 221 -32.27 -2.97 -10.85
CA GLU B 221 -32.65 -4.36 -11.16
C GLU B 221 -33.09 -5.14 -9.90
N ILE B 222 -32.23 -5.11 -8.82
CA ILE B 222 -32.43 -5.75 -7.52
C ILE B 222 -33.79 -5.32 -6.94
N LEU B 223 -33.99 -4.00 -6.90
CA LEU B 223 -35.20 -3.39 -6.40
C LEU B 223 -36.45 -3.68 -7.27
N THR B 224 -36.33 -3.63 -8.63
CA THR B 224 -37.43 -3.94 -9.54
C THR B 224 -37.94 -5.34 -9.19
N ARG B 225 -37.03 -6.30 -9.04
CA ARG B 225 -37.36 -7.65 -8.65
C ARG B 225 -37.92 -7.72 -7.24
N ALA B 226 -37.32 -6.98 -6.29
CA ALA B 226 -37.73 -6.95 -4.88
C ALA B 226 -39.15 -6.45 -4.68
N HIS B 227 -39.54 -5.51 -5.53
CA HIS B 227 -40.87 -4.93 -5.59
C HIS B 227 -41.77 -5.87 -6.38
N GLU B 228 -41.22 -6.56 -7.40
CA GLU B 228 -41.96 -7.53 -8.21
C GLU B 228 -42.28 -8.80 -7.40
N LYS B 229 -41.50 -9.06 -6.33
CA LYS B 229 -41.61 -10.20 -5.39
C LYS B 229 -42.80 -9.98 -4.43
N GLU B 230 -42.85 -8.81 -3.73
CA GLU B 230 -43.89 -8.50 -2.74
C GLU B 230 -45.10 -7.71 -3.26
N PHE B 231 -45.01 -7.10 -4.46
CA PHE B 231 -46.11 -6.33 -5.05
C PHE B 231 -46.72 -6.98 -6.30
N GLY B 232 -46.45 -8.27 -6.52
CA GLY B 232 -46.98 -9.05 -7.63
C GLY B 232 -46.26 -8.94 -8.96
N SER B 233 -46.38 -7.75 -9.65
CA SER B 233 -45.75 -7.44 -10.95
C SER B 233 -45.64 -5.93 -11.24
N VAL B 234 -44.73 -5.54 -12.19
CA VAL B 234 -44.48 -4.15 -12.57
C VAL B 234 -45.43 -3.65 -13.68
N ASN B 235 -46.23 -2.67 -13.27
CA ASN B 235 -47.27 -1.98 -14.04
C ASN B 235 -46.76 -0.58 -14.35
N GLY B 236 -47.65 0.22 -14.92
CA GLY B 236 -47.47 1.62 -15.22
C GLY B 236 -48.09 2.46 -14.12
N GLU B 237 -48.88 1.82 -13.24
CA GLU B 237 -49.51 2.45 -12.08
C GLU B 237 -48.99 1.91 -10.74
N ASN B 238 -48.24 0.79 -10.79
CA ASN B 238 -47.58 0.19 -9.65
C ASN B 238 -46.10 -0.06 -10.05
N LYS B 239 -45.28 0.96 -9.87
CA LYS B 239 -43.89 0.98 -10.25
C LYS B 239 -42.93 0.73 -9.04
N PRO B 240 -41.60 0.46 -9.23
CA PRO B 240 -40.71 0.24 -8.06
C PRO B 240 -40.35 1.53 -7.29
N ILE B 241 -39.70 1.44 -6.08
CA ILE B 241 -39.40 2.63 -5.24
C ILE B 241 -38.66 3.69 -5.98
N TRP B 242 -37.58 3.29 -6.69
CA TRP B 242 -36.68 4.18 -7.45
C TRP B 242 -37.39 4.98 -8.52
N MET B 243 -38.49 4.43 -9.08
CA MET B 243 -39.28 5.07 -10.11
C MET B 243 -40.20 6.08 -9.50
N HIS B 244 -40.71 5.80 -8.28
CA HIS B 244 -41.57 6.72 -7.52
C HIS B 244 -40.68 7.85 -6.99
N ALA B 245 -39.41 7.53 -6.66
CA ALA B 245 -38.40 8.46 -6.19
C ALA B 245 -37.93 9.42 -7.30
N GLU B 246 -37.66 8.91 -8.52
CA GLU B 246 -37.22 9.71 -9.68
C GLU B 246 -38.35 10.58 -10.23
N GLU B 247 -39.62 10.19 -9.94
CA GLU B 247 -40.82 10.93 -10.30
C GLU B 247 -41.13 11.98 -9.22
N ARG B 248 -40.83 11.67 -7.92
CA ARG B 248 -41.00 12.59 -6.79
C ARG B 248 -40.02 13.76 -6.93
N GLU B 249 -38.91 13.54 -7.68
CA GLU B 249 -37.88 14.54 -8.03
C GLU B 249 -38.44 15.61 -9.02
N GLU B 250 -39.62 15.32 -9.64
CA GLU B 250 -40.31 16.19 -10.60
C GLU B 250 -41.63 16.68 -10.02
N SER B 275 -35.67 -9.68 1.52
CA SER B 275 -34.24 -9.71 1.23
C SER B 275 -33.41 -8.76 2.15
N PRO B 276 -32.38 -9.27 2.88
CA PRO B 276 -31.58 -8.37 3.76
C PRO B 276 -30.66 -7.47 2.94
N THR B 277 -30.24 -8.01 1.78
CA THR B 277 -29.37 -7.42 0.79
C THR B 277 -30.04 -6.24 0.11
N VAL B 278 -31.34 -6.08 0.31
CA VAL B 278 -32.07 -5.00 -0.33
C VAL B 278 -31.97 -3.67 0.51
N ASN B 279 -31.87 -3.74 1.86
CA ASN B 279 -31.69 -2.54 2.72
C ASN B 279 -30.42 -1.77 2.33
N THR B 280 -29.39 -2.52 1.88
CA THR B 280 -28.12 -1.99 1.43
C THR B 280 -28.28 -1.39 0.03
N THR B 281 -29.06 -2.05 -0.86
CA THR B 281 -29.32 -1.56 -2.22
C THR B 281 -29.99 -0.21 -2.12
N LEU B 282 -31.01 -0.11 -1.26
CA LEU B 282 -31.77 1.12 -1.01
C LEU B 282 -30.86 2.24 -0.51
N ARG B 283 -29.95 1.91 0.46
CA ARG B 283 -29.00 2.83 1.07
C ARG B 283 -27.96 3.32 0.07
N SER B 284 -27.48 2.39 -0.78
CA SER B 284 -26.50 2.61 -1.83
C SER B 284 -27.10 3.47 -2.93
N LEU B 285 -28.19 2.99 -3.60
CA LEU B 285 -28.87 3.74 -4.69
C LEU B 285 -29.32 5.10 -4.21
N GLY B 286 -29.87 5.12 -3.00
CA GLY B 286 -30.31 6.36 -2.38
C GLY B 286 -29.22 7.40 -2.38
N ALA B 287 -28.06 7.05 -1.79
CA ALA B 287 -26.89 7.92 -1.71
C ALA B 287 -26.26 8.17 -3.11
N LEU B 288 -26.61 7.32 -4.10
CA LEU B 288 -26.16 7.45 -5.48
C LEU B 288 -26.99 8.56 -6.14
N TYR B 289 -28.26 8.76 -5.73
CA TYR B 289 -29.04 9.89 -6.22
C TYR B 289 -28.51 11.18 -5.60
N ARG B 290 -27.90 11.08 -4.40
CA ARG B 290 -27.33 12.23 -3.70
C ARG B 290 -26.21 12.87 -4.51
N ARG B 291 -25.30 12.04 -5.11
CA ARG B 291 -24.20 12.51 -5.96
C ARG B 291 -24.71 13.32 -7.16
N GLN B 292 -25.82 12.83 -7.79
CA GLN B 292 -26.50 13.39 -8.95
C GLN B 292 -27.26 14.70 -8.66
N GLY B 293 -27.46 14.99 -7.37
CA GLY B 293 -28.17 16.17 -6.87
C GLY B 293 -29.64 15.88 -6.60
N LYS B 294 -30.10 14.65 -6.98
CA LYS B 294 -31.46 14.14 -6.82
C LYS B 294 -31.71 13.88 -5.33
N LEU B 295 -31.95 14.96 -4.57
CA LEU B 295 -32.17 14.93 -3.12
C LEU B 295 -33.59 14.55 -2.78
N GLU B 296 -34.59 15.05 -3.57
CA GLU B 296 -36.00 14.69 -3.40
C GLU B 296 -36.19 13.17 -3.67
N ALA B 297 -35.18 12.55 -4.35
CA ALA B 297 -35.06 11.11 -4.71
C ALA B 297 -34.12 10.35 -3.77
N ALA B 298 -33.16 11.07 -3.16
CA ALA B 298 -32.21 10.48 -2.21
C ALA B 298 -32.93 10.22 -0.90
N HIS B 299 -33.69 11.23 -0.39
CA HIS B 299 -34.45 11.15 0.88
C HIS B 299 -35.48 10.03 0.86
N THR B 300 -36.17 9.82 -0.29
CA THR B 300 -37.23 8.81 -0.52
C THR B 300 -36.79 7.38 -0.16
N LEU B 301 -35.66 6.93 -0.69
CA LEU B 301 -35.15 5.60 -0.39
C LEU B 301 -34.53 5.59 0.99
N GLU B 302 -33.91 6.72 1.43
CA GLU B 302 -33.32 6.87 2.77
C GLU B 302 -34.39 6.82 3.88
N ASP B 303 -35.63 7.26 3.54
CA ASP B 303 -36.84 7.22 4.36
C ASP B 303 -37.32 5.76 4.31
N CYS B 304 -37.35 5.18 3.09
CA CYS B 304 -37.80 3.80 2.83
C CYS B 304 -36.97 2.74 3.54
N ALA B 305 -35.66 3.00 3.71
CA ALA B 305 -34.70 2.10 4.37
C ALA B 305 -34.86 2.08 5.87
N SER B 306 -35.09 3.25 6.47
CA SER B 306 -35.28 3.41 7.91
C SER B 306 -36.65 2.87 8.40
N ARG B 307 -37.63 2.77 7.48
CA ARG B 307 -38.97 2.24 7.74
C ARG B 307 -39.02 0.70 7.69
N SER B 308 -38.47 0.11 6.61
CA SER B 308 -38.43 -1.33 6.30
C SER B 308 -37.72 -2.26 7.34
N ARG B 309 -37.29 -1.71 8.49
CA ARG B 309 -36.64 -2.51 9.54
C ARG B 309 -37.50 -2.59 10.82
N ILE C 24 39.02 -14.85 19.47
CA ILE C 24 40.30 -15.57 19.44
C ILE C 24 40.69 -16.04 20.85
N PRO C 25 40.97 -17.33 21.10
CA PRO C 25 41.33 -17.75 22.46
C PRO C 25 42.77 -17.43 22.76
N ALA C 26 43.13 -17.36 24.05
CA ALA C 26 44.49 -17.08 24.53
C ALA C 26 45.48 -18.07 23.96
N ARG C 27 45.05 -19.32 23.89
CA ARG C 27 45.78 -20.47 23.40
C ARG C 27 46.16 -20.30 21.94
N LEU C 28 45.17 -20.13 21.06
CA LEU C 28 45.35 -19.98 19.63
C LEU C 28 45.90 -18.62 19.24
N ARG C 29 45.80 -17.63 20.18
CA ARG C 29 46.20 -16.22 20.06
C ARG C 29 47.68 -15.96 19.74
N THR C 30 48.58 -16.83 20.16
CA THR C 30 50.01 -16.59 19.87
C THR C 30 50.37 -17.24 18.49
N LEU C 31 49.65 -18.31 18.06
CA LEU C 31 49.86 -18.93 16.76
C LEU C 31 49.21 -18.07 15.66
N HIS C 32 48.06 -17.46 15.97
CA HIS C 32 47.26 -16.56 15.10
C HIS C 32 48.15 -15.49 14.47
N ASN C 33 48.71 -14.60 15.30
CA ASN C 33 49.62 -13.48 14.96
C ASN C 33 50.76 -13.87 14.02
N LEU C 34 51.25 -15.10 14.16
CA LEU C 34 52.32 -15.60 13.31
C LEU C 34 51.78 -15.98 11.94
N VAL C 35 50.66 -16.73 11.88
CA VAL C 35 50.02 -17.12 10.61
C VAL C 35 49.58 -15.87 9.87
N ILE C 36 48.98 -14.90 10.63
CA ILE C 36 48.54 -13.55 10.22
C ILE C 36 49.72 -12.86 9.52
N GLN C 37 50.93 -12.99 10.10
CA GLN C 37 52.19 -12.44 9.61
C GLN C 37 52.72 -13.23 8.40
N TYR C 38 52.73 -14.58 8.50
CA TYR C 38 53.25 -15.48 7.46
C TYR C 38 52.29 -15.69 6.29
N ALA C 39 51.19 -14.91 6.23
CA ALA C 39 50.20 -14.88 5.15
C ALA C 39 50.39 -13.54 4.45
N SER C 40 50.43 -12.43 5.25
CA SER C 40 50.65 -11.04 4.83
C SER C 40 52.13 -10.84 4.45
N GLN C 41 52.73 -11.89 3.92
CA GLN C 41 54.12 -11.98 3.48
C GLN C 41 54.19 -12.96 2.28
N GLY C 42 53.01 -13.49 1.88
CA GLY C 42 52.86 -14.43 0.77
C GLY C 42 53.60 -15.74 0.92
N ARG C 43 53.56 -16.31 2.14
CA ARG C 43 54.20 -17.58 2.45
C ARG C 43 53.14 -18.65 2.78
N TYR C 44 52.31 -18.95 1.74
CA TYR C 44 51.21 -19.93 1.72
C TYR C 44 51.74 -21.32 2.14
N GLU C 45 52.97 -21.62 1.73
CA GLU C 45 53.70 -22.84 2.02
C GLU C 45 54.01 -23.00 3.52
N VAL C 46 54.08 -21.87 4.26
CA VAL C 46 54.38 -21.84 5.69
C VAL C 46 53.09 -21.81 6.50
N ALA C 47 52.17 -20.88 6.16
CA ALA C 47 50.91 -20.60 6.85
C ALA C 47 49.93 -21.77 6.95
N VAL C 48 49.57 -22.39 5.81
CA VAL C 48 48.61 -23.50 5.76
C VAL C 48 49.07 -24.65 6.68
N PRO C 49 50.31 -25.18 6.57
CA PRO C 49 50.74 -26.27 7.49
C PRO C 49 50.68 -25.90 8.96
N LEU C 50 50.94 -24.62 9.30
CA LEU C 50 50.90 -24.09 10.66
C LEU C 50 49.50 -24.20 11.22
N CYS C 51 48.49 -24.01 10.36
CA CYS C 51 47.08 -24.12 10.70
C CYS C 51 46.72 -25.60 10.75
N LYS C 52 46.95 -26.32 9.62
CA LYS C 52 46.68 -27.74 9.43
C LYS C 52 47.18 -28.59 10.59
N GLN C 53 48.43 -28.37 11.01
CA GLN C 53 49.03 -29.10 12.11
C GLN C 53 48.59 -28.61 13.50
N ALA C 54 48.24 -27.33 13.62
CA ALA C 54 47.74 -26.83 14.90
C ALA C 54 46.29 -27.30 15.10
N LEU C 55 45.60 -27.69 14.00
CA LEU C 55 44.22 -28.18 14.04
C LEU C 55 44.15 -29.66 14.49
N GLU C 56 45.02 -30.53 13.92
CA GLU C 56 45.11 -31.96 14.27
C GLU C 56 45.61 -32.13 15.72
N ASP C 57 46.25 -31.07 16.25
CA ASP C 57 46.77 -30.98 17.60
C ASP C 57 45.64 -30.82 18.57
N LEU C 58 44.80 -29.83 18.32
CA LEU C 58 43.64 -29.49 19.13
C LEU C 58 42.50 -30.50 18.93
N GLU C 59 42.48 -31.17 17.76
CA GLU C 59 41.49 -32.20 17.42
C GLU C 59 41.58 -33.40 18.35
N LYS C 60 42.80 -33.76 18.84
CA LYS C 60 43.02 -34.87 19.78
C LYS C 60 42.79 -34.40 21.25
N THR C 61 43.04 -33.09 21.50
CA THR C 61 42.93 -32.40 22.80
C THR C 61 41.48 -32.27 23.29
N SER C 62 40.65 -31.46 22.61
CA SER C 62 39.26 -31.21 23.02
C SER C 62 38.20 -31.78 22.03
N GLY C 63 38.62 -32.75 21.20
CA GLY C 63 37.75 -33.40 20.23
C GLY C 63 37.53 -32.58 18.99
N HIS C 64 36.76 -33.10 18.03
CA HIS C 64 36.51 -32.35 16.80
C HIS C 64 35.45 -31.28 17.03
N ASP C 65 34.31 -31.66 17.63
CA ASP C 65 33.13 -30.82 17.89
C ASP C 65 33.37 -29.70 18.94
N HIS C 66 34.63 -29.32 19.16
CA HIS C 66 34.98 -28.27 20.08
C HIS C 66 35.05 -26.91 19.39
N PRO C 67 34.46 -25.84 19.99
CA PRO C 67 34.48 -24.50 19.37
C PRO C 67 35.82 -23.93 18.94
N ASP C 68 36.93 -24.39 19.53
CA ASP C 68 38.23 -23.85 19.15
C ASP C 68 38.74 -24.45 17.85
N VAL C 69 38.19 -25.62 17.43
CA VAL C 69 38.53 -26.26 16.15
C VAL C 69 37.81 -25.44 15.09
N ALA C 70 36.56 -25.05 15.35
CA ALA C 70 35.77 -24.22 14.43
C ALA C 70 36.43 -22.84 14.23
N THR C 71 37.05 -22.30 15.29
CA THR C 71 37.77 -21.03 15.31
C THR C 71 39.05 -21.20 14.51
N MET C 72 39.64 -22.37 14.60
CA MET C 72 40.82 -22.72 13.84
C MET C 72 40.48 -22.96 12.37
N LEU C 73 39.32 -23.59 12.10
CA LEU C 73 38.83 -23.87 10.76
C LEU C 73 38.42 -22.57 10.05
N ASN C 74 38.20 -21.48 10.83
CA ASN C 74 37.81 -20.16 10.31
C ASN C 74 39.03 -19.31 10.00
N ILE C 75 40.16 -19.56 10.70
CA ILE C 75 41.40 -18.82 10.50
C ILE C 75 42.16 -19.33 9.27
N LEU C 76 42.09 -20.65 8.97
CA LEU C 76 42.71 -21.21 7.77
C LEU C 76 41.78 -20.96 6.58
N ALA C 77 40.45 -20.97 6.82
CA ALA C 77 39.48 -20.67 5.77
C ALA C 77 39.72 -19.25 5.30
N LEU C 78 40.10 -18.34 6.22
CA LEU C 78 40.43 -16.94 5.91
C LEU C 78 41.83 -16.84 5.25
N VAL C 79 42.64 -17.93 5.31
CA VAL C 79 43.96 -18.02 4.67
C VAL C 79 43.70 -18.37 3.17
N TYR C 80 42.84 -19.39 2.91
CA TYR C 80 42.45 -19.78 1.55
C TYR C 80 41.70 -18.63 0.84
N ARG C 81 40.91 -17.82 1.57
CA ARG C 81 40.20 -16.65 1.02
C ARG C 81 41.25 -15.59 0.68
N ASP C 82 42.25 -15.40 1.58
CA ASP C 82 43.33 -14.44 1.46
C ASP C 82 44.21 -14.69 0.22
N GLN C 83 44.37 -15.97 -0.19
CA GLN C 83 45.16 -16.30 -1.37
C GLN C 83 44.31 -17.05 -2.44
N ASN C 84 43.14 -16.42 -2.79
CA ASN C 84 42.07 -16.72 -3.78
C ASN C 84 41.79 -18.21 -4.12
N LYS C 85 41.62 -19.05 -3.09
CA LYS C 85 41.28 -20.48 -3.24
C LYS C 85 39.92 -20.73 -2.55
N TYR C 86 38.89 -19.95 -3.00
CA TYR C 86 37.49 -19.90 -2.55
C TYR C 86 36.81 -21.26 -2.48
N LYS C 87 37.06 -22.15 -3.45
CA LYS C 87 36.47 -23.48 -3.45
C LYS C 87 36.76 -24.12 -2.11
N ASP C 88 38.05 -24.17 -1.74
CA ASP C 88 38.57 -24.74 -0.49
C ASP C 88 38.22 -23.95 0.76
N ALA C 89 38.24 -22.60 0.68
CA ALA C 89 37.92 -21.73 1.80
C ALA C 89 36.55 -22.04 2.41
N ALA C 90 35.53 -22.20 1.55
CA ALA C 90 34.15 -22.51 1.92
C ALA C 90 34.02 -23.93 2.45
N HIS C 91 34.86 -24.88 1.96
CA HIS C 91 34.87 -26.28 2.41
C HIS C 91 35.18 -26.31 3.91
N LEU C 92 36.04 -25.37 4.36
CA LEU C 92 36.47 -25.18 5.76
C LEU C 92 35.42 -24.46 6.58
N LEU C 93 34.79 -23.41 5.99
CA LEU C 93 33.77 -22.63 6.70
C LEU C 93 32.44 -23.36 6.88
N ASN C 94 32.19 -24.44 6.11
CA ASN C 94 30.96 -25.23 6.25
C ASN C 94 31.18 -26.19 7.40
N ASP C 95 32.44 -26.65 7.55
CA ASP C 95 32.90 -27.54 8.61
C ASP C 95 32.90 -26.77 9.93
N ALA C 96 33.41 -25.50 9.93
CA ALA C 96 33.44 -24.62 11.11
C ALA C 96 32.02 -24.33 11.54
N LEU C 97 31.10 -24.15 10.56
CA LEU C 97 29.67 -23.92 10.76
C LEU C 97 28.97 -25.14 11.37
N ALA C 98 29.37 -26.36 10.96
CA ALA C 98 28.80 -27.61 11.46
C ALA C 98 29.11 -27.75 12.93
N ILE C 99 30.35 -27.40 13.35
CA ILE C 99 30.81 -27.46 14.74
C ILE C 99 30.11 -26.39 15.56
N ARG C 100 30.01 -25.17 14.99
CA ARG C 100 29.37 -24.03 15.64
C ARG C 100 27.89 -24.26 15.86
N GLU C 101 27.21 -24.86 14.86
CA GLU C 101 25.80 -25.22 14.95
C GLU C 101 25.59 -26.25 16.12
N LYS C 102 26.47 -27.26 16.20
CA LYS C 102 26.45 -28.34 17.19
C LYS C 102 26.43 -27.83 18.62
N THR C 103 27.59 -27.37 19.10
CA THR C 103 27.81 -26.95 20.49
C THR C 103 27.17 -25.59 20.83
N LEU C 104 27.52 -24.54 20.09
CA LEU C 104 27.01 -23.19 20.37
C LEU C 104 25.47 -23.07 20.21
N GLY C 105 24.93 -23.57 19.11
CA GLY C 105 23.49 -23.54 18.84
C GLY C 105 23.05 -23.24 17.41
N LYS C 106 21.83 -23.67 17.05
CA LYS C 106 21.23 -23.45 15.72
C LYS C 106 21.02 -21.98 15.42
N ASP C 107 20.63 -21.18 16.46
CA ASP C 107 20.38 -19.74 16.32
C ASP C 107 21.25 -18.92 17.29
N HIS C 108 22.55 -19.22 17.31
CA HIS C 108 23.55 -18.58 18.16
C HIS C 108 24.32 -17.52 17.35
N PRO C 109 24.78 -16.37 17.96
CA PRO C 109 25.48 -15.32 17.17
C PRO C 109 26.73 -15.72 16.35
N ALA C 110 27.56 -16.67 16.85
CA ALA C 110 28.79 -17.08 16.18
C ALA C 110 28.53 -17.96 14.96
N VAL C 111 27.35 -18.58 14.93
CA VAL C 111 26.89 -19.44 13.84
C VAL C 111 26.39 -18.56 12.71
N ALA C 112 25.81 -17.39 13.04
CA ALA C 112 25.33 -16.42 12.05
C ALA C 112 26.57 -15.85 11.38
N ALA C 113 27.59 -15.51 12.20
CA ALA C 113 28.88 -14.96 11.81
C ALA C 113 29.58 -15.83 10.77
N THR C 114 29.47 -17.14 10.94
CA THR C 114 30.08 -18.11 10.04
C THR C 114 29.11 -18.48 8.90
N LEU C 115 27.84 -18.04 8.98
CA LEU C 115 26.84 -18.25 7.94
C LEU C 115 26.95 -17.05 7.00
N ASN C 116 27.56 -15.96 7.49
CA ASN C 116 27.75 -14.73 6.74
C ASN C 116 29.05 -14.76 5.99
N ASN C 117 30.15 -15.17 6.66
CA ASN C 117 31.49 -15.27 6.06
C ASN C 117 31.49 -16.29 4.91
N LEU C 118 30.65 -17.33 5.04
CA LEU C 118 30.46 -18.40 4.08
C LEU C 118 29.73 -17.90 2.86
N ALA C 119 28.76 -16.99 3.07
CA ALA C 119 27.96 -16.36 2.02
C ALA C 119 28.80 -15.37 1.19
N VAL C 120 29.77 -14.67 1.84
CA VAL C 120 30.72 -13.73 1.23
C VAL C 120 31.60 -14.48 0.21
N LEU C 121 31.93 -15.74 0.53
CA LEU C 121 32.71 -16.64 -0.30
C LEU C 121 31.94 -17.14 -1.52
N TYR C 122 30.61 -17.32 -1.38
CA TYR C 122 29.78 -17.75 -2.49
C TYR C 122 29.66 -16.63 -3.54
N GLY C 123 29.58 -15.39 -3.07
CA GLY C 123 29.53 -14.19 -3.89
C GLY C 123 30.78 -13.92 -4.69
N LYS C 124 31.97 -14.22 -4.09
CA LYS C 124 33.30 -14.07 -4.71
C LYS C 124 33.53 -15.15 -5.77
N ARG C 125 32.77 -16.24 -5.67
CA ARG C 125 32.74 -17.39 -6.56
C ARG C 125 31.55 -17.19 -7.56
N GLY C 126 30.73 -16.16 -7.33
CA GLY C 126 29.57 -15.81 -8.16
C GLY C 126 28.29 -16.57 -7.86
N LYS C 127 28.34 -17.55 -6.94
CA LYS C 127 27.22 -18.39 -6.49
C LYS C 127 26.29 -17.54 -5.61
N TYR C 128 25.59 -16.53 -6.20
CA TYR C 128 24.69 -15.63 -5.46
C TYR C 128 23.43 -16.34 -4.96
N LYS C 129 22.77 -17.14 -5.84
CA LYS C 129 21.55 -17.91 -5.53
C LYS C 129 21.73 -18.78 -4.28
N GLU C 130 22.99 -19.22 -4.05
CA GLU C 130 23.52 -20.11 -3.00
C GLU C 130 23.92 -19.39 -1.70
N ALA C 131 24.20 -18.08 -1.78
CA ALA C 131 24.58 -17.25 -0.66
C ALA C 131 23.33 -16.68 0.00
N GLU C 132 22.30 -16.42 -0.82
CA GLU C 132 20.99 -15.90 -0.44
C GLU C 132 20.37 -16.65 0.75
N PRO C 133 20.26 -18.01 0.75
CA PRO C 133 19.63 -18.68 1.89
C PRO C 133 20.41 -18.58 3.17
N LEU C 134 21.74 -18.38 3.04
CA LEU C 134 22.64 -18.26 4.19
C LEU C 134 22.45 -16.92 4.84
N CYS C 135 22.38 -15.89 4.00
CA CYS C 135 22.25 -14.54 4.46
C CYS C 135 20.96 -14.27 5.18
N LYS C 136 19.82 -14.87 4.74
CA LYS C 136 18.51 -14.73 5.40
C LYS C 136 18.53 -15.39 6.80
N ARG C 137 19.30 -16.54 6.96
CA ARG C 137 19.49 -17.23 8.23
C ARG C 137 20.35 -16.40 9.20
N ALA C 138 21.32 -15.60 8.66
CA ALA C 138 22.19 -14.70 9.44
C ALA C 138 21.37 -13.50 9.92
N LEU C 139 20.39 -13.12 9.10
CA LEU C 139 19.48 -12.04 9.39
C LEU C 139 18.47 -12.48 10.42
N GLU C 140 17.97 -13.73 10.30
CA GLU C 140 17.01 -14.26 11.26
C GLU C 140 17.63 -14.38 12.66
N ILE C 141 18.93 -14.80 12.76
CA ILE C 141 19.68 -14.92 14.02
C ILE C 141 19.86 -13.53 14.63
N ARG C 142 20.18 -12.54 13.79
CA ARG C 142 20.34 -11.14 14.17
C ARG C 142 19.02 -10.50 14.67
N GLU C 143 17.89 -10.83 13.99
CA GLU C 143 16.51 -10.39 14.27
C GLU C 143 16.10 -10.84 15.68
N LYS C 144 16.53 -12.07 16.10
CA LYS C 144 16.24 -12.66 17.42
C LYS C 144 17.19 -12.08 18.48
N VAL C 145 18.50 -12.10 18.18
CA VAL C 145 19.55 -11.62 19.06
C VAL C 145 19.40 -10.11 19.36
N LEU C 146 19.64 -9.26 18.35
CA LEU C 146 19.63 -7.81 18.43
C LEU C 146 18.25 -7.13 18.44
N GLY C 147 17.24 -7.79 17.90
CA GLY C 147 15.90 -7.25 17.78
C GLY C 147 15.65 -6.72 16.40
N LYS C 148 14.44 -6.97 15.86
CA LYS C 148 13.98 -6.59 14.51
C LYS C 148 14.42 -5.19 14.05
N PHE C 149 14.52 -4.21 14.99
CA PHE C 149 14.87 -2.84 14.63
C PHE C 149 16.24 -2.37 15.16
N HIS C 150 17.26 -3.21 15.06
CA HIS C 150 18.59 -2.79 15.48
C HIS C 150 19.35 -2.30 14.23
N PRO C 151 20.23 -1.27 14.31
CA PRO C 151 20.94 -0.82 13.08
C PRO C 151 21.85 -1.84 12.42
N ASP C 152 22.27 -2.88 13.16
CA ASP C 152 23.10 -3.95 12.61
C ASP C 152 22.24 -4.89 11.78
N VAL C 153 20.90 -4.88 12.03
CA VAL C 153 19.88 -5.63 11.27
C VAL C 153 19.71 -4.85 9.94
N ALA C 154 19.77 -3.50 10.00
CA ALA C 154 19.67 -2.64 8.82
C ALA C 154 20.84 -2.87 7.85
N LYS C 155 22.07 -3.14 8.37
CA LYS C 155 23.22 -3.43 7.50
C LYS C 155 23.10 -4.82 6.90
N GLN C 156 22.59 -5.80 7.67
CA GLN C 156 22.35 -7.16 7.17
C GLN C 156 21.31 -7.14 6.04
N LEU C 157 20.25 -6.28 6.17
CA LEU C 157 19.21 -6.09 5.17
C LEU C 157 19.81 -5.43 3.93
N SER C 158 20.56 -4.32 4.09
CA SER C 158 21.20 -3.61 2.97
C SER C 158 22.17 -4.52 2.18
N ASN C 159 22.69 -5.59 2.83
CA ASN C 159 23.59 -6.60 2.27
C ASN C 159 22.77 -7.61 1.49
N LEU C 160 21.74 -8.19 2.15
CA LEU C 160 20.81 -9.19 1.64
C LEU C 160 19.97 -8.66 0.45
N ALA C 161 19.96 -7.33 0.26
CA ALA C 161 19.29 -6.63 -0.82
C ALA C 161 20.21 -6.60 -2.04
N LEU C 162 21.51 -6.39 -1.81
CA LEU C 162 22.59 -6.38 -2.82
C LEU C 162 22.68 -7.75 -3.51
N LEU C 163 22.47 -8.83 -2.72
CA LEU C 163 22.49 -10.25 -3.10
C LEU C 163 21.30 -10.57 -4.02
N CYS C 164 20.14 -9.97 -3.73
CA CYS C 164 18.92 -10.13 -4.53
C CYS C 164 19.03 -9.32 -5.83
N GLN C 165 19.83 -8.23 -5.82
CA GLN C 165 20.08 -7.36 -6.97
C GLN C 165 21.02 -8.10 -7.95
N ASN C 166 22.06 -8.78 -7.40
CA ASN C 166 23.02 -9.61 -8.15
C ASN C 166 22.34 -10.86 -8.68
N GLN C 167 21.04 -11.01 -8.36
CA GLN C 167 20.19 -12.09 -8.82
C GLN C 167 19.10 -11.56 -9.76
N GLY C 168 18.90 -10.24 -9.77
CA GLY C 168 17.88 -9.56 -10.56
C GLY C 168 16.47 -9.80 -10.05
N LYS C 169 16.34 -9.91 -8.70
CA LYS C 169 15.08 -10.14 -7.99
C LYS C 169 14.54 -8.82 -7.44
N ALA C 170 14.37 -7.81 -8.34
CA ALA C 170 13.95 -6.42 -8.06
C ALA C 170 12.96 -6.25 -6.93
N GLU C 171 11.85 -7.00 -6.96
CA GLU C 171 10.79 -6.97 -5.94
C GLU C 171 11.32 -7.15 -4.51
N GLU C 172 12.37 -7.98 -4.33
CA GLU C 172 12.98 -8.26 -3.02
C GLU C 172 13.97 -7.16 -2.67
N VAL C 173 14.76 -6.70 -3.67
CA VAL C 173 15.75 -5.62 -3.57
C VAL C 173 15.05 -4.40 -3.00
N GLU C 174 13.86 -4.11 -3.50
CA GLU C 174 12.98 -3.02 -3.07
C GLU C 174 12.61 -3.25 -1.61
N TYR C 175 12.08 -4.44 -1.27
CA TYR C 175 11.60 -4.79 0.07
C TYR C 175 12.60 -4.55 1.15
N TYR C 176 13.77 -5.23 1.10
CA TYR C 176 14.81 -5.17 2.15
C TYR C 176 15.39 -3.78 2.33
N TYR C 177 15.64 -3.05 1.22
CA TYR C 177 16.15 -1.69 1.24
C TYR C 177 15.21 -0.76 1.99
N ARG C 178 13.89 -0.93 1.83
CA ARG C 178 12.81 -0.19 2.51
C ARG C 178 12.77 -0.52 4.00
N ARG C 179 13.07 -1.80 4.32
CA ARG C 179 13.14 -2.39 5.65
C ARG C 179 14.33 -1.79 6.39
N ALA C 180 15.48 -1.67 5.65
CA ALA C 180 16.74 -1.11 6.14
C ALA C 180 16.56 0.38 6.35
N LEU C 181 15.79 1.03 5.45
CA LEU C 181 15.50 2.47 5.51
C LEU C 181 14.66 2.81 6.73
N GLU C 182 13.69 1.92 7.05
CA GLU C 182 12.80 2.04 8.19
C GLU C 182 13.65 2.17 9.49
N ILE C 183 14.69 1.30 9.64
CA ILE C 183 15.65 1.26 10.77
C ILE C 183 16.61 2.48 10.76
N TYR C 184 17.31 2.70 9.61
CA TYR C 184 18.26 3.80 9.41
C TYR C 184 17.63 5.17 9.68
N ALA C 185 16.45 5.41 9.09
CA ALA C 185 15.76 6.68 9.25
C ALA C 185 15.21 6.83 10.66
N THR C 186 14.55 5.79 11.21
CA THR C 186 13.94 5.87 12.53
C THR C 186 14.99 5.87 13.64
N ARG C 187 15.74 4.76 13.85
CA ARG C 187 16.74 4.63 14.92
C ARG C 187 17.85 5.71 14.86
N LEU C 188 18.42 5.98 13.65
CA LEU C 188 19.47 7.01 13.47
C LEU C 188 18.89 8.36 13.06
N GLY C 189 19.77 9.36 12.95
CA GLY C 189 19.42 10.74 12.61
C GLY C 189 18.91 10.97 11.20
N PRO C 190 18.82 12.26 10.78
CA PRO C 190 18.30 12.57 9.44
C PRO C 190 19.40 12.75 8.39
N ASP C 191 20.46 13.52 8.73
CA ASP C 191 21.58 13.80 7.87
C ASP C 191 22.47 12.56 7.65
N ASP C 192 22.33 11.52 8.53
CA ASP C 192 23.03 10.24 8.53
C ASP C 192 23.38 9.72 7.12
N PRO C 193 24.63 9.21 6.96
CA PRO C 193 25.08 8.71 5.66
C PRO C 193 24.29 7.53 5.09
N ASN C 194 23.83 6.63 5.97
CA ASN C 194 23.06 5.44 5.61
C ASN C 194 21.64 5.79 5.20
N VAL C 195 21.12 6.89 5.74
CA VAL C 195 19.78 7.36 5.43
C VAL C 195 19.78 7.81 3.95
N ALA C 196 20.79 8.62 3.58
CA ALA C 196 21.01 9.15 2.22
C ALA C 196 21.40 8.04 1.21
N LYS C 197 22.29 7.12 1.64
CA LYS C 197 22.81 6.01 0.84
C LYS C 197 21.70 5.00 0.51
N THR C 198 20.91 4.56 1.52
CA THR C 198 19.84 3.57 1.36
C THR C 198 18.68 4.14 0.49
N LYS C 199 18.42 5.46 0.63
CA LYS C 199 17.41 6.14 -0.14
C LYS C 199 17.80 5.98 -1.59
N ASN C 200 19.02 6.38 -1.94
CA ASN C 200 19.64 6.33 -3.27
C ASN C 200 19.62 4.94 -3.89
N ASN C 201 19.94 3.90 -3.08
CA ASN C 201 19.98 2.48 -3.47
C ASN C 201 18.59 2.00 -3.86
N LEU C 202 17.57 2.41 -3.06
CA LEU C 202 16.16 2.11 -3.27
C LEU C 202 15.67 2.88 -4.48
N ALA C 203 16.13 4.14 -4.62
CA ALA C 203 15.85 5.03 -5.72
C ALA C 203 16.36 4.40 -7.01
N SER C 204 17.56 3.76 -6.98
CA SER C 204 18.10 3.05 -8.15
C SER C 204 17.19 1.90 -8.51
N CYS C 205 16.83 1.06 -7.49
CA CYS C 205 15.95 -0.10 -7.61
C CYS C 205 14.59 0.23 -8.26
N TYR C 206 13.99 1.37 -7.86
CA TYR C 206 12.72 1.85 -8.40
C TYR C 206 12.88 2.09 -9.90
N LEU C 207 13.98 2.73 -10.32
CA LEU C 207 14.27 2.96 -11.74
C LEU C 207 14.50 1.66 -12.50
N LYS C 208 15.24 0.69 -11.89
CA LYS C 208 15.54 -0.64 -12.45
C LYS C 208 14.24 -1.37 -12.79
N GLN C 209 13.10 -0.92 -12.20
CA GLN C 209 11.76 -1.49 -12.41
C GLN C 209 10.73 -0.49 -13.03
N GLY C 210 11.19 0.70 -13.39
CA GLY C 210 10.34 1.71 -14.02
C GLY C 210 9.39 2.48 -13.12
N LYS C 211 9.69 2.54 -11.80
CA LYS C 211 8.94 3.30 -10.78
C LYS C 211 9.61 4.70 -10.67
N TYR C 212 9.47 5.48 -11.73
CA TYR C 212 10.16 6.76 -11.85
C TYR C 212 9.68 7.83 -10.87
N GLN C 213 8.37 7.90 -10.52
CA GLN C 213 7.93 8.96 -9.56
C GLN C 213 8.52 8.67 -8.19
N ASP C 214 8.49 7.38 -7.77
CA ASP C 214 9.00 6.86 -6.49
C ASP C 214 10.50 7.25 -6.34
N ALA C 215 11.28 7.02 -7.43
CA ALA C 215 12.70 7.33 -7.54
C ALA C 215 12.97 8.83 -7.42
N GLU C 216 12.29 9.67 -8.23
CA GLU C 216 12.38 11.14 -8.23
C GLU C 216 12.08 11.70 -6.83
N THR C 217 11.05 11.12 -6.17
CA THR C 217 10.59 11.47 -4.83
C THR C 217 11.74 11.33 -3.89
N LEU C 218 12.42 10.17 -3.89
CA LEU C 218 13.58 9.89 -3.02
C LEU C 218 14.72 10.84 -3.24
N TYR C 219 15.13 11.01 -4.54
CA TYR C 219 16.22 11.91 -4.99
C TYR C 219 15.93 13.30 -4.54
N LYS C 220 14.64 13.68 -4.48
CA LYS C 220 14.23 14.99 -3.96
C LYS C 220 14.52 15.09 -2.44
N GLU C 221 13.94 14.16 -1.61
CA GLU C 221 14.07 14.07 -0.14
C GLU C 221 15.53 14.30 0.34
N ILE C 222 16.49 13.55 -0.25
CA ILE C 222 17.94 13.60 0.03
C ILE C 222 18.43 15.04 -0.12
N LEU C 223 18.10 15.66 -1.26
CA LEU C 223 18.47 17.01 -1.60
C LEU C 223 17.80 18.05 -0.70
N THR C 224 16.49 17.90 -0.40
CA THR C 224 15.76 18.84 0.49
C THR C 224 16.52 18.91 1.82
N ARG C 225 16.90 17.73 2.37
CA ARG C 225 17.67 17.65 3.59
C ARG C 225 19.07 18.19 3.41
N ALA C 226 19.73 17.90 2.27
CA ALA C 226 21.10 18.36 1.95
C ALA C 226 21.23 19.85 1.89
N HIS C 227 20.17 20.50 1.42
CA HIS C 227 20.04 21.93 1.31
C HIS C 227 19.60 22.47 2.66
N GLU C 228 18.80 21.69 3.41
CA GLU C 228 18.33 22.08 4.75
C GLU C 228 19.49 22.01 5.77
N LYS C 229 20.54 21.22 5.46
CA LYS C 229 21.76 21.00 6.24
C LYS C 229 22.69 22.22 6.12
N GLU C 230 23.03 22.65 4.87
CA GLU C 230 23.96 23.76 4.64
C GLU C 230 23.30 25.15 4.43
N PHE C 231 21.99 25.22 4.21
CA PHE C 231 21.27 26.48 4.03
C PHE C 231 20.29 26.82 5.17
N GLY C 232 20.45 26.15 6.31
CA GLY C 232 19.64 26.38 7.51
C GLY C 232 18.28 25.68 7.56
N SER C 233 17.30 26.15 6.74
CA SER C 233 15.93 25.61 6.65
C SER C 233 15.21 25.94 5.33
N VAL C 234 14.15 25.16 4.97
CA VAL C 234 13.37 25.32 3.74
C VAL C 234 12.20 26.31 3.91
N ASN C 235 12.35 27.41 3.16
CA ASN C 235 11.47 28.56 3.08
C ASN C 235 10.72 28.49 1.74
N GLY C 236 9.99 29.57 1.47
CA GLY C 236 9.29 29.81 0.22
C GLY C 236 10.13 30.72 -0.67
N GLU C 237 11.21 31.28 -0.10
CA GLU C 237 12.16 32.15 -0.81
C GLU C 237 13.57 31.54 -0.87
N ASN C 238 13.81 30.48 -0.08
CA ASN C 238 15.04 29.72 -0.08
C ASN C 238 14.67 28.22 -0.18
N LYS C 239 14.49 27.78 -1.41
CA LYS C 239 14.04 26.43 -1.76
C LYS C 239 15.22 25.50 -2.18
N PRO C 240 15.05 24.14 -2.29
CA PRO C 240 16.19 23.27 -2.70
C PRO C 240 16.53 23.35 -4.20
N ILE C 241 17.67 22.76 -4.66
CA ILE C 241 18.11 22.87 -6.07
C ILE C 241 17.06 22.48 -7.06
N TRP C 242 16.43 21.31 -6.83
CA TRP C 242 15.41 20.71 -7.68
C TRP C 242 14.19 21.59 -7.89
N MET C 243 13.87 22.44 -6.88
CA MET C 243 12.74 23.36 -6.93
C MET C 243 13.10 24.57 -7.73
N HIS C 244 14.37 25.02 -7.65
CA HIS C 244 14.87 26.14 -8.44
C HIS C 244 15.00 25.69 -9.89
N ALA C 245 15.35 24.39 -10.10
CA ALA C 245 15.48 23.73 -11.39
C ALA C 245 14.12 23.54 -12.09
N GLU C 246 13.09 23.08 -11.35
CA GLU C 246 11.74 22.87 -11.89
C GLU C 246 11.02 24.19 -12.17
N GLU C 247 11.47 25.28 -11.51
CA GLU C 247 10.98 26.65 -11.72
C GLU C 247 11.73 27.30 -12.88
N ARG C 248 13.05 26.97 -13.05
CA ARG C 248 13.88 27.46 -14.16
C ARG C 248 13.36 26.89 -15.48
N GLU C 249 12.66 25.73 -15.42
CA GLU C 249 11.99 25.05 -16.55
C GLU C 249 10.78 25.87 -17.06
N GLU C 250 10.33 26.88 -16.27
CA GLU C 250 9.20 27.75 -16.58
C GLU C 250 9.68 29.19 -16.77
N SER C 275 27.93 15.81 1.91
CA SER C 275 27.58 14.44 1.61
C SER C 275 28.15 13.98 0.23
N PRO C 276 28.94 12.87 0.17
CA PRO C 276 29.48 12.42 -1.15
C PRO C 276 28.39 11.80 -2.01
N THR C 277 27.42 11.17 -1.32
CA THR C 277 26.26 10.49 -1.84
C THR C 277 25.29 11.47 -2.51
N VAL C 278 25.50 12.78 -2.30
CA VAL C 278 24.62 13.79 -2.87
C VAL C 278 25.03 14.14 -4.32
N ASN C 279 26.34 14.06 -4.69
CA ASN C 279 26.82 14.32 -6.07
C ASN C 279 26.16 13.34 -7.06
N THR C 280 25.89 12.11 -6.58
CA THR C 280 25.23 11.04 -7.33
C THR C 280 23.73 11.33 -7.43
N THR C 281 23.11 11.81 -6.33
CA THR C 281 21.68 12.16 -6.29
C THR C 281 21.43 13.24 -7.33
N LEU C 282 22.29 14.27 -7.35
CA LEU C 282 22.22 15.39 -8.29
C LEU C 282 22.34 14.91 -9.75
N ARG C 283 23.31 13.99 -10.00
CA ARG C 283 23.59 13.40 -11.31
C ARG C 283 22.44 12.51 -11.79
N SER C 284 21.87 11.73 -10.85
CA SER C 284 20.74 10.83 -11.06
C SER C 284 19.49 11.63 -11.34
N LEU C 285 19.03 12.49 -10.36
CA LEU C 285 17.82 13.30 -10.53
C LEU C 285 17.90 14.17 -11.76
N GLY C 286 19.08 14.76 -12.00
CA GLY C 286 19.35 15.60 -13.16
C GLY C 286 19.02 14.88 -14.45
N ALA C 287 19.61 13.68 -14.65
CA ALA C 287 19.40 12.83 -15.83
C ALA C 287 17.98 12.21 -15.89
N LEU C 288 17.29 12.24 -14.74
CA LEU C 288 15.92 11.79 -14.60
C LEU C 288 15.04 12.87 -15.23
N TYR C 289 15.32 14.18 -14.97
CA TYR C 289 14.60 15.29 -15.61
C TYR C 289 14.82 15.21 -17.11
N ARG C 290 15.96 14.67 -17.54
CA ARG C 290 16.30 14.53 -18.95
C ARG C 290 15.30 13.60 -19.67
N ARG C 291 14.94 12.45 -19.04
CA ARG C 291 13.98 11.49 -19.61
C ARG C 291 12.62 12.15 -19.90
N GLN C 292 12.11 12.94 -18.95
CA GLN C 292 10.82 13.64 -19.07
C GLN C 292 10.86 14.64 -20.24
N GLY C 293 11.98 15.33 -20.36
CA GLY C 293 12.20 16.37 -21.36
C GLY C 293 12.62 17.68 -20.72
N LYS C 294 12.61 17.73 -19.36
CA LYS C 294 12.97 18.88 -18.52
C LYS C 294 14.47 19.12 -18.62
N LEU C 295 14.90 19.72 -19.75
CA LEU C 295 16.31 19.98 -20.05
C LEU C 295 16.82 21.23 -19.36
N GLU C 296 15.98 22.28 -19.28
CA GLU C 296 16.29 23.53 -18.57
C GLU C 296 16.48 23.21 -17.06
N ALA C 297 15.96 22.03 -16.61
CA ALA C 297 16.01 21.47 -15.25
C ALA C 297 17.08 20.39 -15.12
N ALA C 298 17.41 19.71 -16.24
CA ALA C 298 18.43 18.68 -16.27
C ALA C 298 19.82 19.34 -16.19
N HIS C 299 20.06 20.40 -17.01
CA HIS C 299 21.33 21.14 -17.06
C HIS C 299 21.67 21.78 -15.72
N THR C 300 20.67 22.31 -14.99
CA THR C 300 20.77 22.99 -13.68
C THR C 300 21.51 22.16 -12.62
N LEU C 301 21.09 20.91 -12.41
CA LEU C 301 21.72 20.03 -11.45
C LEU C 301 23.02 19.52 -12.01
N GLU C 302 23.10 19.30 -13.36
CA GLU C 302 24.31 18.85 -14.07
C GLU C 302 25.43 19.91 -14.00
N ASP C 303 25.03 21.19 -13.91
CA ASP C 303 25.89 22.36 -13.75
C ASP C 303 26.27 22.38 -12.26
N CYS C 304 25.27 22.17 -11.38
CA CYS C 304 25.43 22.18 -9.92
C CYS C 304 26.38 21.10 -9.42
N ALA C 305 26.41 19.94 -10.09
CA ALA C 305 27.23 18.77 -9.75
C ALA C 305 28.69 18.98 -10.08
N SER C 306 28.97 19.58 -11.26
CA SER C 306 30.32 19.86 -11.77
C SER C 306 31.01 20.98 -10.98
N ARG C 307 30.21 21.87 -10.37
CA ARG C 307 30.68 23.01 -9.58
C ARG C 307 31.06 22.62 -8.15
N SER C 308 30.14 21.91 -7.44
CA SER C 308 30.21 21.45 -6.05
C SER C 308 31.42 20.55 -5.68
N ARG C 309 32.36 20.30 -6.60
CA ARG C 309 33.53 19.46 -6.30
C ARG C 309 34.85 20.25 -6.30
#